data_7YDH
#
_entry.id   7YDH
#
loop_
_entity.id
_entity.type
_entity.pdbx_description
1 polymer 'G protein subunit 13 (Gi2-mini-G13 chimera)'
2 polymer 'Guanine nucleotide-binding protein G(I)/G(S)/G(T) subunit beta-1'
3 polymer scFv16
4 polymer 'Guanine nucleotide-binding protein G(I)/G(S)/G(O) subunit gamma-2'
5 polymer 'Adhesion G protein-coupled receptor E5 subunit beta'
#
loop_
_entity_poly.entity_id
_entity_poly.type
_entity_poly.pdbx_seq_one_letter_code
_entity_poly.pdbx_strand_id
1 'polypeptide(L)'
;MGSTVSAEDKAAAERSKEIDKCLSREKTYVKRLVKILLLGADNSGKSTFLKQMRIIHGGSGGSGGTKGIHEYDFEIKNVP
FKMVDVGGQRSERKRWFECFDSVTSILFLVDSSDFNRLTESLNDFETIVNNRVFSNVSIILFLNKTDLLEEKVQIVSIKD
YFLEFEGDPHCLRDVQKFLVECFRNKRRDQQQKPLYHHFTTAINTENARLIFRDVKDTILHDNLKQLMLQ
;
A
2 'polypeptide(L)'
;MGSLLQSELDQLRQEAEQLKNQIRDARKACADATLSQITNNIDPVGRIQMRTRRTLRGHLAKIYAMHWGTDSRLLVSASQ
DGKLIIWDSYTTNKVHAIPLRSSWVMTCAYAPSGNYVACGGLDNICSIYNLKTREGNVRVSRELAGHTGYLSCCRFLDDN
QIVTSSGDTTCALWDIETGQQTTTFTGHTGDVMSLSLAPDTRLFVSGACDASAKLWDVREGMCRQTFTGHESDINAICFF
PNGNAFATGSDDATCRLFDLRADQELMTYSHDNIICGITSVSFSKSGRLLLAGYDDFNCNVWDALKADRAGVLAGHDNRV
SCLGVTDDGMAVATGSWDSFLKIWN
;
B
3 'polypeptide(L)'
;VQLVESGGGLVQPGGSRKLSCSASGFAFSSFGMHWVRQAPEKGLEWVAYISSGSGTIYYADTVKGRFTISRDDPKNTLFL
QMTSLRSEDTAMYYCVRSIYYYGSSPFDFWGQGTTLTVSAGGGGSGGGGSGGGGSADIVMTQATSSVPVTPGESVSISCR
SSKSLLHSNGNTYLYWFLQRPGQSPQLLIYRMSNLASGVPDRFSGSGSGTAFTLTISRLEAEDVGVYYCMQHLEYPLTFG
AGTKLEL
;
E
4 'polypeptide(L)' MASNNTASIAQARKLVEQLKMEANIDRIKVSKAAADLMAYCEAHAKEDPLLTPVPASENPFREKKFFCAIL G
5 'polypeptide(L)'
;MSSFAILMAHYDVEDWKLTLITRVGLALSLFCLLLCILTFLLVRPIQGSRTTIHLHLCICLFVGSTIFLAGIENEGGQVG
LRCRLVAGLLHYCFLAAFCWMSLEGLELYFLVVRVFQGQGLSTRWLCLIGYGVPLLIVGVSAAIYSKGYGRPRYCWLDFE
QGFLWSFLGPVTFIILCNAVIFVTTVWKLTQKFSEINPDMKKLKKARALTITAIAQLFLLGCTWVFGLFIFDDRSLVLTY
VFTILNCLQGAFLYLLHCLLNKKVREEYRKWACLVAGGSKYSEFTSTTSGTGHNQTRALRASESGIL
;
R
#
# COMPACT_ATOMS: atom_id res chain seq x y z
N VAL A 5 23.45 0.04 -13.98
CA VAL A 5 24.68 0.82 -13.93
C VAL A 5 25.89 -0.08 -13.79
N SER A 6 25.63 -1.38 -13.64
CA SER A 6 26.69 -2.38 -13.49
C SER A 6 26.31 -3.62 -14.29
N ALA A 7 25.50 -3.43 -15.34
CA ALA A 7 25.17 -4.48 -16.30
C ALA A 7 24.36 -5.60 -15.70
N GLU A 8 24.12 -5.53 -14.39
CA GLU A 8 23.30 -6.52 -13.71
C GLU A 8 22.24 -5.88 -12.83
N ASP A 9 22.48 -4.65 -12.38
CA ASP A 9 21.42 -3.88 -11.75
C ASP A 9 20.44 -3.32 -12.78
N LYS A 10 20.84 -3.23 -14.04
CA LYS A 10 19.89 -2.85 -15.09
C LYS A 10 18.81 -3.90 -15.24
N ALA A 11 19.18 -5.17 -15.21
CA ALA A 11 18.18 -6.24 -15.24
C ALA A 11 17.31 -6.21 -13.99
N ALA A 12 17.89 -5.89 -12.83
CA ALA A 12 17.09 -5.77 -11.62
C ALA A 12 16.06 -4.66 -11.74
N ALA A 13 16.47 -3.50 -12.30
CA ALA A 13 15.54 -2.40 -12.49
C ALA A 13 14.43 -2.79 -13.46
N GLU A 14 14.77 -3.52 -14.52
CA GLU A 14 13.74 -3.97 -15.45
C GLU A 14 12.74 -4.90 -14.75
N ARG A 15 13.24 -5.81 -13.92
CA ARG A 15 12.36 -6.70 -13.18
C ARG A 15 11.43 -5.90 -12.27
N SER A 16 11.96 -4.88 -11.60
CA SER A 16 11.13 -4.06 -10.73
C SER A 16 10.07 -3.31 -11.52
N LYS A 17 10.41 -2.82 -12.72
CA LYS A 17 9.42 -2.13 -13.53
C LYS A 17 8.29 -3.07 -13.96
N GLU A 18 8.63 -4.31 -14.33
CA GLU A 18 7.58 -5.26 -14.66
C GLU A 18 6.64 -5.48 -13.48
N ILE A 19 7.22 -5.66 -12.27
CA ILE A 19 6.37 -5.86 -11.10
C ILE A 19 5.50 -4.64 -10.84
N ASP A 20 6.06 -3.44 -11.06
CA ASP A 20 5.29 -2.21 -10.85
C ASP A 20 4.10 -2.13 -11.78
N LYS A 21 4.27 -2.47 -13.06
CA LYS A 21 3.15 -2.46 -13.97
C LYS A 21 2.10 -3.49 -13.56
N CYS A 22 2.54 -4.67 -13.13
CA CYS A 22 1.58 -5.69 -12.71
C CYS A 22 0.76 -5.21 -11.52
N LEU A 23 1.38 -4.54 -10.56
CA LEU A 23 0.62 -3.97 -9.45
C LEU A 23 -0.33 -2.89 -9.92
N SER A 24 0.15 -1.96 -10.76
CA SER A 24 -0.67 -0.82 -11.15
C SER A 24 -1.84 -1.23 -12.03
N ARG A 25 -1.82 -2.46 -12.56
CA ARG A 25 -2.96 -2.94 -13.32
C ARG A 25 -4.21 -3.11 -12.46
N GLU A 26 -4.06 -3.18 -11.13
CA GLU A 26 -5.17 -3.51 -10.24
C GLU A 26 -5.77 -2.31 -9.52
N LYS A 27 -5.14 -1.13 -9.59
CA LYS A 27 -5.65 0.03 -8.88
C LYS A 27 -7.02 0.44 -9.39
N THR A 28 -7.24 0.36 -10.70
CA THR A 28 -8.51 0.73 -11.30
C THR A 28 -9.65 -0.17 -10.87
N TYR A 29 -9.35 -1.38 -10.41
CA TYR A 29 -10.39 -2.26 -9.85
C TYR A 29 -10.55 -2.05 -8.36
N VAL A 30 -9.45 -1.79 -7.65
CA VAL A 30 -9.56 -1.56 -6.21
C VAL A 30 -10.35 -0.28 -5.93
N LYS A 31 -10.20 0.73 -6.78
CA LYS A 31 -10.81 2.03 -6.50
C LYS A 31 -12.31 2.06 -6.74
N ARG A 32 -12.88 1.02 -7.35
CA ARG A 32 -14.31 0.98 -7.67
C ARG A 32 -15.03 -0.17 -6.99
N LEU A 33 -14.81 -0.38 -5.69
CA LEU A 33 -15.31 -1.57 -5.01
C LEU A 33 -16.20 -1.17 -3.83
N VAL A 34 -17.30 -1.91 -3.66
CA VAL A 34 -18.27 -1.67 -2.61
C VAL A 34 -18.32 -2.88 -1.70
N LYS A 35 -18.23 -2.66 -0.38
CA LYS A 35 -18.19 -3.72 0.61
C LYS A 35 -19.45 -3.70 1.46
N ILE A 36 -20.03 -4.87 1.69
CA ILE A 36 -21.20 -5.06 2.53
C ILE A 36 -20.87 -6.13 3.56
N LEU A 37 -21.37 -5.96 4.77
CA LEU A 37 -21.15 -6.95 5.82
C LEU A 37 -22.46 -7.63 6.20
N LEU A 38 -22.49 -8.95 6.12
CA LEU A 38 -23.71 -9.73 6.27
C LEU A 38 -23.76 -10.37 7.65
N LEU A 39 -24.86 -10.15 8.37
CA LEU A 39 -25.11 -10.76 9.66
C LEU A 39 -26.47 -11.41 9.70
N GLY A 40 -26.54 -12.57 10.32
CA GLY A 40 -27.75 -13.35 10.32
C GLY A 40 -27.79 -14.31 11.47
N ALA A 41 -28.53 -15.40 11.28
CA ALA A 41 -28.74 -16.37 12.34
C ALA A 41 -28.72 -17.77 11.76
N ASP A 42 -28.62 -18.76 12.65
CA ASP A 42 -28.58 -20.15 12.21
C ASP A 42 -29.90 -20.58 11.60
N ASN A 43 -31.02 -20.09 12.12
CA ASN A 43 -32.35 -20.45 11.62
C ASN A 43 -32.89 -19.45 10.60
N SER A 44 -32.11 -18.43 10.25
CA SER A 44 -32.59 -17.33 9.41
C SER A 44 -32.46 -17.61 7.91
N GLY A 45 -32.02 -18.80 7.53
CA GLY A 45 -31.90 -19.11 6.12
C GLY A 45 -30.92 -18.22 5.37
N LYS A 46 -29.73 -18.00 5.93
CA LYS A 46 -28.72 -17.23 5.24
C LYS A 46 -28.25 -17.92 3.97
N SER A 47 -28.07 -19.24 4.03
CA SER A 47 -27.56 -20.00 2.90
C SER A 47 -28.52 -19.93 1.70
N THR A 48 -29.81 -20.05 1.94
CA THR A 48 -30.77 -19.97 0.84
C THR A 48 -30.74 -18.61 0.17
N PHE A 49 -30.64 -17.55 0.96
CA PHE A 49 -30.56 -16.20 0.40
C PHE A 49 -29.30 -16.04 -0.45
N LEU A 50 -28.16 -16.52 0.06
CA LEU A 50 -26.92 -16.43 -0.72
C LEU A 50 -27.03 -17.22 -2.02
N LYS A 51 -27.60 -18.43 -1.95
CA LYS A 51 -27.74 -19.24 -3.16
C LYS A 51 -28.64 -18.55 -4.18
N GLN A 52 -29.76 -17.99 -3.74
CA GLN A 52 -30.70 -17.37 -4.64
C GLN A 52 -30.20 -16.03 -5.18
N MET A 53 -29.18 -15.44 -4.58
CA MET A 53 -28.57 -14.25 -5.16
C MET A 53 -27.62 -14.55 -6.31
N ARG A 54 -27.62 -15.78 -6.83
CA ARG A 54 -26.80 -16.17 -7.98
C ARG A 54 -25.31 -15.92 -7.71
N ILE A 55 -24.86 -16.23 -6.50
CA ILE A 55 -23.48 -15.98 -6.09
C ILE A 55 -22.77 -17.31 -5.95
N ILE A 56 -21.61 -17.44 -6.60
CA ILE A 56 -20.76 -18.62 -6.51
C ILE A 56 -21.54 -19.89 -6.87
N GLY A 68 -14.49 -20.25 8.86
CA GLY A 68 -14.12 -18.97 9.44
C GLY A 68 -14.83 -17.80 8.80
N ILE A 69 -14.25 -17.27 7.73
CA ILE A 69 -14.79 -16.13 7.00
C ILE A 69 -14.96 -16.55 5.55
N HIS A 70 -16.13 -16.23 4.98
CA HIS A 70 -16.39 -16.48 3.57
C HIS A 70 -16.44 -15.16 2.83
N GLU A 71 -15.89 -15.13 1.63
CA GLU A 71 -15.97 -13.96 0.76
C GLU A 71 -16.78 -14.30 -0.48
N TYR A 72 -17.53 -13.32 -0.98
CA TYR A 72 -18.25 -13.46 -2.23
C TYR A 72 -18.01 -12.22 -3.06
N ASP A 73 -17.79 -12.40 -4.35
CA ASP A 73 -17.62 -11.29 -5.28
C ASP A 73 -18.57 -11.44 -6.45
N PHE A 74 -19.28 -10.37 -6.77
CA PHE A 74 -20.13 -10.36 -7.94
C PHE A 74 -20.24 -8.94 -8.46
N GLU A 75 -21.08 -8.74 -9.46
CA GLU A 75 -21.25 -7.44 -10.08
C GLU A 75 -22.73 -7.23 -10.42
N ILE A 76 -23.18 -5.99 -10.30
CA ILE A 76 -24.53 -5.61 -10.70
C ILE A 76 -24.43 -4.34 -11.53
N LYS A 77 -25.00 -4.38 -12.73
CA LYS A 77 -25.03 -3.23 -13.64
C LYS A 77 -23.67 -2.54 -13.72
N ASN A 78 -22.64 -3.35 -13.96
CA ASN A 78 -21.27 -2.90 -14.17
C ASN A 78 -20.66 -2.25 -12.93
N VAL A 79 -21.12 -2.60 -11.74
CA VAL A 79 -20.50 -2.14 -10.50
C VAL A 79 -20.12 -3.36 -9.68
N PRO A 80 -18.88 -3.44 -9.18
CA PRO A 80 -18.48 -4.58 -8.34
C PRO A 80 -19.15 -4.55 -6.98
N PHE A 81 -19.22 -5.73 -6.35
CA PHE A 81 -19.71 -5.89 -4.99
C PHE A 81 -18.97 -7.05 -4.33
N LYS A 82 -18.61 -6.84 -3.07
CA LYS A 82 -17.97 -7.86 -2.24
C LYS A 82 -18.77 -8.01 -0.96
N MET A 83 -19.08 -9.25 -0.60
CA MET A 83 -19.87 -9.54 0.59
C MET A 83 -19.06 -10.45 1.51
N VAL A 84 -19.13 -10.17 2.81
CA VAL A 84 -18.31 -10.86 3.81
C VAL A 84 -19.26 -11.59 4.75
N ASP A 85 -19.08 -12.90 4.86
CA ASP A 85 -19.90 -13.74 5.73
C ASP A 85 -19.06 -14.11 6.94
N VAL A 86 -19.49 -13.65 8.11
CA VAL A 86 -18.87 -13.97 9.39
C VAL A 86 -19.58 -15.20 9.94
N GLY A 87 -18.88 -16.33 9.97
CA GLY A 87 -19.48 -17.57 10.40
C GLY A 87 -19.64 -17.68 11.91
N GLY A 88 -20.52 -16.85 12.47
CA GLY A 88 -20.79 -16.92 13.89
C GLY A 88 -19.63 -16.55 14.78
N GLN A 89 -18.86 -15.52 14.42
CA GLN A 89 -17.78 -15.01 15.24
C GLN A 89 -18.17 -13.77 16.03
N ARG A 90 -19.46 -13.42 16.05
CA ARG A 90 -19.92 -12.22 16.73
C ARG A 90 -19.56 -12.19 18.21
N SER A 91 -19.09 -13.31 18.76
CA SER A 91 -18.60 -13.31 20.14
C SER A 91 -17.38 -12.43 20.31
N GLU A 92 -16.72 -12.05 19.21
CA GLU A 92 -15.59 -11.13 19.29
C GLU A 92 -16.12 -9.73 19.57
N ARG A 93 -15.76 -9.17 20.72
CA ARG A 93 -16.27 -7.88 21.16
C ARG A 93 -15.15 -6.89 21.50
N LYS A 94 -14.06 -6.91 20.75
CA LYS A 94 -12.93 -6.03 21.00
C LYS A 94 -12.62 -5.19 19.76
N ARG A 95 -11.89 -4.10 19.97
CA ARG A 95 -11.68 -3.13 18.90
C ARG A 95 -10.94 -3.72 17.71
N TRP A 96 -10.06 -4.69 17.95
CA TRP A 96 -9.34 -5.34 16.85
C TRP A 96 -10.31 -5.86 15.79
N PHE A 97 -11.42 -6.46 16.21
CA PHE A 97 -12.39 -7.05 15.31
C PHE A 97 -13.13 -6.00 14.50
N GLU A 98 -13.02 -4.73 14.90
CA GLU A 98 -13.56 -3.62 14.12
C GLU A 98 -12.50 -3.14 13.14
N CYS A 99 -12.19 -4.02 12.20
CA CYS A 99 -11.37 -3.70 11.03
C CYS A 99 -12.23 -3.65 9.77
N PHE A 100 -13.53 -3.48 9.96
CA PHE A 100 -14.51 -3.35 8.89
C PHE A 100 -14.89 -1.89 8.69
N ASP A 101 -13.94 -0.99 8.90
CA ASP A 101 -14.21 0.44 8.81
C ASP A 101 -14.41 0.92 7.38
N SER A 102 -14.12 0.10 6.39
CA SER A 102 -14.31 0.47 5.00
C SER A 102 -15.68 0.06 4.47
N VAL A 103 -16.52 -0.51 5.32
CA VAL A 103 -17.81 -1.04 4.88
C VAL A 103 -18.78 0.11 4.67
N THR A 104 -19.67 -0.04 3.69
CA THR A 104 -20.68 0.99 3.43
C THR A 104 -22.06 0.59 3.93
N SER A 105 -22.28 -0.68 4.26
CA SER A 105 -23.60 -1.11 4.72
C SER A 105 -23.50 -2.43 5.47
N ILE A 106 -24.37 -2.56 6.47
CA ILE A 106 -24.53 -3.79 7.23
C ILE A 106 -25.91 -4.35 6.91
N LEU A 107 -25.95 -5.59 6.45
CA LEU A 107 -27.19 -6.25 6.06
C LEU A 107 -27.56 -7.27 7.12
N PHE A 108 -28.72 -7.10 7.74
CA PHE A 108 -29.13 -7.91 8.89
C PHE A 108 -30.36 -8.71 8.52
N LEU A 109 -30.25 -10.04 8.54
CA LEU A 109 -31.39 -10.92 8.36
C LEU A 109 -31.90 -11.33 9.73
N VAL A 110 -33.21 -11.19 9.97
CA VAL A 110 -33.77 -11.56 11.27
C VAL A 110 -35.07 -12.32 11.05
N ASP A 111 -35.27 -13.34 11.88
CA ASP A 111 -36.46 -14.19 11.83
C ASP A 111 -37.62 -13.51 12.55
N SER A 112 -38.84 -13.88 12.15
CA SER A 112 -40.04 -13.34 12.76
C SER A 112 -41.11 -14.37 13.08
N SER A 113 -41.03 -15.57 12.51
CA SER A 113 -42.05 -16.59 12.74
C SER A 113 -41.87 -17.31 14.07
N ASP A 114 -40.63 -17.51 14.51
CA ASP A 114 -40.34 -18.14 15.79
C ASP A 114 -40.27 -17.02 16.84
N PHE A 115 -41.39 -16.78 17.52
CA PHE A 115 -41.47 -15.67 18.45
C PHE A 115 -40.51 -15.83 19.62
N ASN A 116 -40.34 -17.05 20.12
CA ASN A 116 -39.53 -17.29 21.31
C ASN A 116 -38.09 -16.84 21.15
N ARG A 117 -37.58 -16.74 19.93
CA ARG A 117 -36.22 -16.31 19.69
C ARG A 117 -36.12 -14.81 19.42
N LEU A 118 -37.23 -14.13 19.18
CA LEU A 118 -37.17 -12.73 18.76
C LEU A 118 -36.33 -11.90 19.71
N THR A 119 -36.60 -12.00 21.02
CA THR A 119 -35.84 -11.22 22.00
C THR A 119 -34.35 -11.41 21.81
N GLU A 120 -33.91 -12.66 21.62
CA GLU A 120 -32.49 -12.92 21.44
C GLU A 120 -31.91 -12.06 20.33
N SER A 121 -32.60 -12.01 19.18
CA SER A 121 -32.11 -11.21 18.06
C SER A 121 -31.93 -9.75 18.47
N LEU A 122 -32.90 -9.19 19.19
CA LEU A 122 -32.76 -7.80 19.61
C LEU A 122 -31.50 -7.61 20.45
N ASN A 123 -31.20 -8.56 21.34
CA ASN A 123 -30.03 -8.41 22.18
C ASN A 123 -28.76 -8.37 21.36
N ASP A 124 -28.74 -9.06 20.23
CA ASP A 124 -27.61 -8.91 19.32
C ASP A 124 -27.66 -7.56 18.60
N PHE A 125 -28.85 -7.18 18.13
CA PHE A 125 -29.01 -5.99 17.31
C PHE A 125 -28.50 -4.76 18.05
N GLU A 126 -29.00 -4.54 19.27
CA GLU A 126 -28.62 -3.36 20.05
C GLU A 126 -27.12 -3.37 20.35
N THR A 127 -26.50 -4.55 20.33
CA THR A 127 -25.07 -4.61 20.59
C THR A 127 -24.27 -4.15 19.38
N ILE A 128 -24.75 -4.47 18.17
CA ILE A 128 -23.91 -4.28 17.00
C ILE A 128 -24.01 -2.84 16.48
N VAL A 129 -25.23 -2.28 16.41
CA VAL A 129 -25.41 -1.00 15.74
C VAL A 129 -25.08 0.18 16.64
N ASN A 130 -24.69 -0.05 17.90
CA ASN A 130 -24.35 1.03 18.81
C ASN A 130 -22.84 1.18 19.03
N ASN A 131 -22.02 0.56 18.19
CA ASN A 131 -20.57 0.73 18.28
C ASN A 131 -20.17 2.02 17.58
N ARG A 132 -18.98 2.53 17.93
CA ARG A 132 -18.56 3.82 17.39
C ARG A 132 -18.23 3.76 15.91
N VAL A 133 -17.59 2.69 15.44
CA VAL A 133 -17.12 2.66 14.05
C VAL A 133 -18.28 2.63 13.07
N PHE A 134 -19.45 2.16 13.49
CA PHE A 134 -20.59 2.01 12.60
C PHE A 134 -21.56 3.18 12.70
N SER A 135 -21.07 4.36 13.13
CA SER A 135 -21.93 5.52 13.21
C SER A 135 -22.08 6.23 11.87
N ASN A 136 -21.23 5.91 10.90
CA ASN A 136 -21.24 6.56 9.60
C ASN A 136 -21.59 5.56 8.49
N VAL A 137 -22.35 4.53 8.84
CA VAL A 137 -22.71 3.47 7.92
C VAL A 137 -24.22 3.27 7.98
N SER A 138 -24.77 2.62 6.98
CA SER A 138 -26.20 2.37 6.93
C SER A 138 -26.52 0.93 7.30
N ILE A 139 -27.75 0.74 7.77
CA ILE A 139 -28.25 -0.56 8.20
C ILE A 139 -29.41 -0.93 7.28
N ILE A 140 -29.38 -2.13 6.72
CA ILE A 140 -30.45 -2.63 5.88
C ILE A 140 -31.02 -3.86 6.55
N LEU A 141 -32.29 -3.78 6.92
CA LEU A 141 -32.96 -4.81 7.71
C LEU A 141 -33.87 -5.64 6.82
N PHE A 142 -33.75 -6.96 6.92
CA PHE A 142 -34.65 -7.88 6.24
C PHE A 142 -35.36 -8.72 7.30
N LEU A 143 -36.68 -8.74 7.22
CA LEU A 143 -37.51 -9.60 8.04
C LEU A 143 -37.84 -10.84 7.22
N ASN A 144 -37.28 -11.98 7.62
CA ASN A 144 -37.17 -13.10 6.70
C ASN A 144 -38.42 -13.97 6.62
N LYS A 145 -38.85 -14.19 5.38
CA LYS A 145 -39.77 -15.20 4.91
C LYS A 145 -41.21 -14.77 5.15
N THR A 146 -41.45 -14.05 6.26
CA THR A 146 -42.63 -13.20 6.38
C THR A 146 -43.85 -13.72 5.59
N ASP A 147 -44.17 -15.01 5.74
CA ASP A 147 -45.44 -15.55 5.27
C ASP A 147 -46.04 -16.59 6.19
N LEU A 148 -45.24 -17.17 7.09
CA LEU A 148 -45.78 -17.98 8.17
C LEU A 148 -46.62 -17.15 9.12
N LEU A 149 -46.31 -15.86 9.25
CA LEU A 149 -47.14 -14.97 10.05
C LEU A 149 -48.56 -14.90 9.48
N GLU A 150 -48.67 -14.86 8.15
CA GLU A 150 -49.99 -14.81 7.52
C GLU A 150 -50.82 -16.03 7.89
N GLU A 151 -50.17 -17.13 8.26
CA GLU A 151 -50.84 -18.35 8.68
C GLU A 151 -50.72 -18.62 10.16
N LYS A 152 -50.17 -17.70 10.95
CA LYS A 152 -50.02 -17.93 12.38
C LYS A 152 -50.63 -16.82 13.21
N VAL A 153 -50.79 -15.63 12.64
CA VAL A 153 -51.37 -14.53 13.42
C VAL A 153 -52.83 -14.85 13.74
N GLN A 154 -53.51 -15.58 12.88
CA GLN A 154 -54.88 -16.00 13.20
C GLN A 154 -54.90 -17.24 14.08
N ILE A 155 -53.77 -17.89 14.29
CA ILE A 155 -53.70 -19.11 15.10
C ILE A 155 -53.13 -18.83 16.48
N VAL A 156 -51.96 -18.20 16.55
CA VAL A 156 -51.29 -17.90 17.81
C VAL A 156 -51.22 -16.39 17.95
N SER A 157 -51.77 -15.87 19.05
CA SER A 157 -51.74 -14.43 19.29
C SER A 157 -50.34 -13.99 19.67
N ILE A 158 -49.95 -12.80 19.18
CA ILE A 158 -48.63 -12.26 19.52
C ILE A 158 -48.60 -11.63 20.90
N LYS A 159 -49.71 -11.64 21.63
CA LYS A 159 -49.75 -11.11 22.97
C LYS A 159 -49.25 -12.10 24.01
N ASP A 160 -49.09 -13.37 23.65
CA ASP A 160 -48.62 -14.38 24.60
C ASP A 160 -47.12 -14.26 24.88
N TYR A 161 -46.39 -13.46 24.12
CA TYR A 161 -44.97 -13.26 24.33
C TYR A 161 -44.61 -11.81 24.59
N PHE A 162 -45.39 -10.86 24.08
CA PHE A 162 -45.18 -9.45 24.34
C PHE A 162 -46.44 -8.84 24.95
N LEU A 163 -46.26 -7.75 25.70
CA LEU A 163 -47.35 -7.11 26.41
C LEU A 163 -47.67 -5.71 25.91
N GLU A 164 -46.73 -5.06 25.23
CA GLU A 164 -46.94 -3.67 24.82
C GLU A 164 -47.78 -3.53 23.56
N PHE A 165 -48.13 -4.65 22.91
CA PHE A 165 -48.89 -4.58 21.67
C PHE A 165 -50.31 -4.10 21.94
N GLU A 166 -50.83 -3.25 21.04
CA GLU A 166 -52.15 -2.65 21.22
C GLU A 166 -53.20 -3.15 20.25
N GLY A 167 -52.80 -3.62 19.06
CA GLY A 167 -53.76 -4.00 18.05
C GLY A 167 -54.37 -5.37 18.29
N ASP A 168 -55.13 -5.81 17.30
CA ASP A 168 -55.73 -7.13 17.36
C ASP A 168 -54.74 -8.20 16.92
N PRO A 169 -54.91 -9.43 17.42
CA PRO A 169 -53.97 -10.50 17.04
C PRO A 169 -54.05 -10.91 15.58
N HIS A 170 -55.13 -10.58 14.87
CA HIS A 170 -55.35 -11.13 13.54
C HIS A 170 -54.95 -10.23 12.40
N CYS A 171 -55.02 -8.91 12.56
CA CYS A 171 -54.63 -7.98 11.49
C CYS A 171 -53.12 -8.00 11.35
N LEU A 172 -52.65 -8.34 10.14
CA LEU A 172 -51.22 -8.47 9.89
C LEU A 172 -50.50 -7.13 9.97
N ARG A 173 -51.15 -6.07 9.49
CA ARG A 173 -50.48 -4.78 9.38
C ARG A 173 -50.08 -4.24 10.74
N ASP A 174 -50.94 -4.39 11.75
CA ASP A 174 -50.62 -3.93 13.09
C ASP A 174 -49.39 -4.63 13.64
N VAL A 175 -49.32 -5.95 13.46
CA VAL A 175 -48.17 -6.72 13.94
C VAL A 175 -46.90 -6.28 13.23
N GLN A 176 -46.99 -6.07 11.92
CA GLN A 176 -45.81 -5.65 11.18
C GLN A 176 -45.31 -4.29 11.64
N LYS A 177 -46.22 -3.33 11.83
CA LYS A 177 -45.81 -2.03 12.32
C LYS A 177 -45.19 -2.13 13.70
N PHE A 178 -45.76 -2.98 14.57
CA PHE A 178 -45.20 -3.17 15.90
C PHE A 178 -43.78 -3.70 15.84
N LEU A 179 -43.55 -4.71 14.98
CA LEU A 179 -42.22 -5.29 14.85
C LEU A 179 -41.22 -4.24 14.39
N VAL A 180 -41.58 -3.47 13.36
CA VAL A 180 -40.66 -2.48 12.83
C VAL A 180 -40.36 -1.42 13.87
N GLU A 181 -41.38 -0.99 14.63
CA GLU A 181 -41.15 0.02 15.66
C GLU A 181 -40.24 -0.51 16.76
N CYS A 182 -40.44 -1.76 17.18
CA CYS A 182 -39.57 -2.33 18.21
C CYS A 182 -38.14 -2.41 17.72
N PHE A 183 -37.92 -2.80 16.47
CA PHE A 183 -36.56 -2.85 15.95
C PHE A 183 -35.96 -1.45 15.84
N ARG A 184 -36.77 -0.46 15.45
CA ARG A 184 -36.26 0.88 15.21
C ARG A 184 -35.97 1.62 16.51
N ASN A 185 -36.65 1.27 17.59
CA ASN A 185 -36.49 1.98 18.86
C ASN A 185 -35.24 1.55 19.63
N LYS A 186 -34.35 0.78 19.02
CA LYS A 186 -33.16 0.29 19.68
C LYS A 186 -31.91 1.13 19.41
N ARG A 187 -32.02 2.21 18.64
CA ARG A 187 -30.86 2.99 18.25
C ARG A 187 -30.76 4.25 19.10
N ARG A 188 -29.63 4.41 19.77
CA ARG A 188 -29.36 5.63 20.53
C ARG A 188 -28.78 6.68 19.60
N ASP A 189 -29.35 7.88 19.63
CA ASP A 189 -29.10 8.90 18.61
C ASP A 189 -29.32 8.13 17.32
N GLN A 190 -30.61 8.01 16.96
CA GLN A 190 -31.04 6.97 16.03
C GLN A 190 -30.15 6.88 14.79
N GLN A 191 -30.11 7.93 13.98
CA GLN A 191 -29.48 7.82 12.67
C GLN A 191 -28.85 9.08 12.13
N GLN A 192 -27.57 8.97 11.79
CA GLN A 192 -26.95 9.92 10.89
C GLN A 192 -27.19 9.58 9.42
N LYS A 193 -27.42 8.28 9.12
CA LYS A 193 -27.90 7.77 7.85
C LYS A 193 -29.08 6.87 8.17
N PRO A 194 -30.10 6.89 7.37
CA PRO A 194 -31.36 6.27 7.78
C PRO A 194 -31.31 4.75 7.80
N LEU A 195 -32.31 4.17 8.45
CA LEU A 195 -32.55 2.73 8.47
C LEU A 195 -33.58 2.38 7.42
N TYR A 196 -33.41 1.23 6.78
CA TYR A 196 -34.31 0.77 5.73
C TYR A 196 -34.84 -0.61 6.11
N HIS A 197 -35.96 -1.00 5.51
CA HIS A 197 -36.58 -2.29 5.82
C HIS A 197 -37.47 -2.76 4.68
N HIS A 198 -37.59 -4.08 4.55
CA HIS A 198 -38.37 -4.71 3.49
C HIS A 198 -38.91 -6.05 3.97
N PHE A 199 -39.87 -6.58 3.21
CA PHE A 199 -40.50 -7.88 3.49
C PHE A 199 -40.29 -8.79 2.28
N THR A 200 -39.61 -9.91 2.49
CA THR A 200 -39.31 -10.87 1.42
C THR A 200 -39.52 -12.29 1.92
N THR A 201 -40.17 -13.11 1.10
CA THR A 201 -40.43 -14.49 1.49
C THR A 201 -39.65 -15.49 0.65
N ALA A 202 -39.92 -15.50 -0.66
CA ALA A 202 -39.26 -16.40 -1.60
C ALA A 202 -38.93 -15.68 -2.90
N ILE A 203 -38.93 -14.35 -2.83
CA ILE A 203 -38.82 -13.52 -4.03
C ILE A 203 -37.60 -13.93 -4.84
N ASN A 204 -36.44 -14.00 -4.20
CA ASN A 204 -35.22 -14.61 -4.72
C ASN A 204 -34.74 -13.98 -6.02
N THR A 205 -35.37 -12.89 -6.46
CA THR A 205 -35.04 -12.27 -7.74
C THR A 205 -34.84 -10.77 -7.61
N GLU A 206 -35.55 -10.13 -6.67
CA GLU A 206 -35.59 -8.68 -6.59
C GLU A 206 -34.70 -8.11 -5.49
N ASN A 207 -34.04 -8.95 -4.71
CA ASN A 207 -33.28 -8.45 -3.57
C ASN A 207 -32.12 -7.56 -4.01
N ALA A 208 -31.45 -7.93 -5.10
CA ALA A 208 -30.29 -7.16 -5.54
C ALA A 208 -30.67 -5.73 -5.88
N ARG A 209 -31.85 -5.53 -6.47
CA ARG A 209 -32.28 -4.18 -6.82
C ARG A 209 -32.50 -3.32 -5.58
N LEU A 210 -33.11 -3.90 -4.54
CA LEU A 210 -33.32 -3.15 -3.31
C LEU A 210 -32.01 -2.76 -2.65
N ILE A 211 -31.07 -3.71 -2.58
CA ILE A 211 -29.76 -3.40 -2.02
C ILE A 211 -29.08 -2.32 -2.84
N PHE A 212 -29.18 -2.41 -4.17
CA PHE A 212 -28.54 -1.45 -5.06
C PHE A 212 -29.09 -0.04 -4.83
N ARG A 213 -30.41 0.09 -4.75
CA ARG A 213 -31.00 1.41 -4.52
C ARG A 213 -30.58 1.99 -3.17
N ASP A 214 -30.56 1.17 -2.12
CA ASP A 214 -30.20 1.70 -0.81
C ASP A 214 -28.74 2.14 -0.76
N VAL A 215 -27.84 1.36 -1.36
CA VAL A 215 -26.43 1.77 -1.41
C VAL A 215 -26.29 3.07 -2.19
N LYS A 216 -27.01 3.19 -3.32
CA LYS A 216 -26.93 4.41 -4.10
C LYS A 216 -27.38 5.62 -3.31
N ASP A 217 -28.46 5.48 -2.53
CA ASP A 217 -28.92 6.58 -1.71
C ASP A 217 -27.88 6.97 -0.65
N THR A 218 -27.24 5.99 -0.01
CA THR A 218 -26.24 6.33 0.99
C THR A 218 -25.06 7.09 0.37
N ILE A 219 -24.58 6.62 -0.78
CA ILE A 219 -23.44 7.28 -1.40
C ILE A 219 -23.82 8.68 -1.85
N LEU A 220 -25.04 8.87 -2.34
CA LEU A 220 -25.49 10.21 -2.73
C LEU A 220 -25.59 11.13 -1.53
N HIS A 221 -26.07 10.61 -0.41
CA HIS A 221 -26.08 11.34 0.85
C HIS A 221 -24.69 11.89 1.15
N ASP A 222 -23.68 11.03 1.10
CA ASP A 222 -22.32 11.47 1.39
C ASP A 222 -21.83 12.49 0.37
N ASN A 223 -22.09 12.26 -0.93
CA ASN A 223 -21.65 13.20 -1.96
C ASN A 223 -22.23 14.59 -1.73
N LEU A 224 -23.54 14.67 -1.50
CA LEU A 224 -24.16 15.98 -1.31
C LEU A 224 -23.66 16.64 -0.03
N LYS A 225 -23.48 15.88 1.04
CA LYS A 225 -22.94 16.49 2.26
C LYS A 225 -21.54 17.03 2.02
N GLN A 226 -20.75 16.35 1.19
CA GLN A 226 -19.44 16.86 0.82
C GLN A 226 -19.54 18.12 -0.02
N LEU A 227 -20.53 18.20 -0.91
CA LEU A 227 -20.67 19.36 -1.78
C LEU A 227 -21.11 20.59 -0.99
N MET A 228 -21.93 20.37 0.04
CA MET A 228 -22.45 21.47 0.90
C MET A 228 -21.36 21.88 1.90
N LEU A 229 -20.31 22.56 1.43
CA LEU A 229 -19.20 23.02 2.30
C LEU A 229 -19.37 24.50 2.60
N GLN A 230 -20.55 25.06 2.28
CA GLN A 230 -20.85 26.50 2.53
C GLN A 230 -19.71 27.36 1.96
N GLU B 8 -11.81 -27.34 51.56
CA GLU B 8 -12.71 -27.23 50.41
C GLU B 8 -12.32 -26.06 49.51
N LEU B 9 -13.31 -25.50 48.83
CA LEU B 9 -13.07 -24.35 47.98
C LEU B 9 -12.60 -23.14 48.78
N ASP B 10 -13.21 -22.90 49.95
CA ASP B 10 -12.82 -21.77 50.78
C ASP B 10 -11.39 -21.90 51.30
N GLN B 11 -10.99 -23.10 51.73
CA GLN B 11 -9.63 -23.29 52.21
C GLN B 11 -8.60 -23.09 51.10
N LEU B 12 -8.91 -23.59 49.90
CA LEU B 12 -8.00 -23.39 48.76
C LEU B 12 -7.92 -21.92 48.39
N ARG B 13 -9.05 -21.20 48.43
CA ARG B 13 -9.02 -19.77 48.16
C ARG B 13 -8.20 -19.02 49.20
N GLN B 14 -8.33 -19.41 50.47
CA GLN B 14 -7.54 -18.76 51.52
C GLN B 14 -6.05 -19.05 51.34
N GLU B 15 -5.69 -20.28 50.97
CA GLU B 15 -4.29 -20.58 50.69
C GLU B 15 -3.77 -19.77 49.51
N ALA B 16 -4.60 -19.61 48.48
CA ALA B 16 -4.21 -18.77 47.34
C ALA B 16 -4.02 -17.32 47.76
N GLU B 17 -4.89 -16.81 48.63
CA GLU B 17 -4.73 -15.45 49.13
C GLU B 17 -3.45 -15.31 49.95
N GLN B 18 -3.13 -16.31 50.76
CA GLN B 18 -1.87 -16.28 51.51
C GLN B 18 -0.67 -16.27 50.58
N LEU B 19 -0.72 -17.09 49.52
CA LEU B 19 0.38 -17.09 48.55
C LEU B 19 0.49 -15.75 47.84
N LYS B 20 -0.66 -15.14 47.52
CA LYS B 20 -0.64 -13.82 46.89
C LYS B 20 -0.02 -12.78 47.81
N ASN B 21 -0.35 -12.85 49.11
CA ASN B 21 0.25 -11.94 50.08
C ASN B 21 1.76 -12.18 50.18
N GLN B 22 2.19 -13.44 50.13
CA GLN B 22 3.62 -13.75 50.12
C GLN B 22 4.30 -13.13 48.91
N ILE B 23 3.69 -13.27 47.74
CA ILE B 23 4.26 -12.71 46.51
C ILE B 23 4.34 -11.18 46.61
N ARG B 24 3.27 -10.56 47.13
CA ARG B 24 3.25 -9.11 47.27
C ARG B 24 4.35 -8.64 48.23
N ASP B 25 4.51 -9.32 49.36
CA ASP B 25 5.55 -8.94 50.31
C ASP B 25 6.94 -9.12 49.71
N ALA B 26 7.16 -10.21 48.99
CA ALA B 26 8.45 -10.43 48.34
C ALA B 26 8.75 -9.34 47.32
N ARG B 27 7.74 -8.95 46.54
CA ARG B 27 7.93 -7.89 45.55
C ARG B 27 8.21 -6.55 46.23
N LYS B 28 7.51 -6.25 47.33
CA LYS B 28 7.69 -4.96 47.99
C LYS B 28 9.03 -4.88 48.72
N ALA B 29 9.52 -5.99 49.25
CA ALA B 29 10.77 -5.96 50.01
C ALA B 29 11.98 -5.65 49.14
N CYS B 30 11.93 -5.97 47.85
CA CYS B 30 13.08 -5.80 46.96
C CYS B 30 13.17 -4.40 46.36
N ALA B 31 12.23 -3.51 46.66
CA ALA B 31 12.23 -2.15 46.11
C ALA B 31 13.11 -1.25 46.96
N ASP B 32 14.43 -1.42 46.79
CA ASP B 32 15.41 -0.61 47.50
C ASP B 32 15.66 0.73 46.84
N ALA B 33 15.24 0.91 45.59
CA ALA B 33 15.48 2.14 44.86
C ALA B 33 14.57 2.19 43.64
N THR B 34 14.46 3.37 43.05
CA THR B 34 13.72 3.59 41.82
C THR B 34 14.70 3.72 40.66
N LEU B 35 14.18 3.47 39.45
CA LEU B 35 15.04 3.55 38.26
C LEU B 35 15.51 4.98 38.03
N SER B 36 14.72 5.97 38.43
CA SER B 36 15.07 7.36 38.18
C SER B 36 16.24 7.83 39.04
N GLN B 37 16.38 7.32 40.26
CA GLN B 37 17.40 7.81 41.16
C GLN B 37 18.79 7.29 40.83
N ILE B 38 18.89 6.07 40.31
CA ILE B 38 20.19 5.52 39.94
C ILE B 38 20.76 6.23 38.72
N THR B 39 19.91 6.51 37.73
CA THR B 39 20.34 7.11 36.48
C THR B 39 20.12 8.62 36.45
N ASN B 40 20.27 9.29 37.59
CA ASN B 40 20.07 10.74 37.64
C ASN B 40 21.32 11.53 37.28
N ASN B 41 22.40 10.86 36.88
CA ASN B 41 23.65 11.52 36.51
C ASN B 41 24.05 11.22 35.07
N ILE B 42 23.11 10.81 34.23
CA ILE B 42 23.40 10.43 32.85
C ILE B 42 22.98 11.55 31.92
N ASP B 43 23.84 11.89 30.96
CA ASP B 43 23.60 13.03 30.09
C ASP B 43 22.41 12.77 29.17
N PRO B 44 21.50 13.72 29.02
CA PRO B 44 20.43 13.59 28.03
C PRO B 44 21.00 13.37 26.63
N VAL B 45 20.23 12.64 25.82
CA VAL B 45 20.68 12.36 24.45
C VAL B 45 20.67 13.60 23.58
N GLY B 46 19.98 14.66 24.00
CA GLY B 46 19.90 15.87 23.19
C GLY B 46 18.65 15.86 22.33
N ARG B 47 18.83 16.13 21.04
CA ARG B 47 17.73 16.15 20.08
C ARG B 47 18.10 15.28 18.90
N ILE B 48 17.14 14.47 18.43
CA ILE B 48 17.34 13.57 17.31
C ILE B 48 16.45 14.05 16.16
N GLN B 49 17.08 14.42 15.05
CA GLN B 49 16.37 14.90 13.87
C GLN B 49 16.63 13.93 12.73
N MET B 50 15.79 12.90 12.64
CA MET B 50 15.89 11.93 11.55
C MET B 50 15.17 12.46 10.33
N ARG B 51 15.46 11.85 9.18
CA ARG B 51 14.94 12.32 7.91
C ARG B 51 14.81 11.15 6.96
N THR B 52 13.91 11.30 5.99
CA THR B 52 13.64 10.23 5.04
C THR B 52 14.85 10.02 4.13
N ARG B 53 15.19 8.75 3.88
CA ARG B 53 16.21 8.39 2.92
C ARG B 53 15.65 7.83 1.63
N ARG B 54 14.65 6.97 1.70
CA ARG B 54 13.93 6.48 0.54
C ARG B 54 12.46 6.37 0.89
N THR B 55 11.60 6.50 -0.11
CA THR B 55 10.17 6.26 0.05
C THR B 55 9.77 5.10 -0.84
N LEU B 56 9.18 4.08 -0.23
CA LEU B 56 8.80 2.86 -0.93
C LEU B 56 7.32 2.96 -1.26
N ARG B 57 7.00 2.87 -2.54
CA ARG B 57 5.63 3.02 -3.01
C ARG B 57 5.18 1.78 -3.75
N GLY B 58 3.87 1.55 -3.75
CA GLY B 58 3.32 0.45 -4.52
C GLY B 58 2.13 -0.27 -3.91
N HIS B 59 1.98 -0.24 -2.59
CA HIS B 59 0.83 -0.88 -1.96
C HIS B 59 -0.44 -0.12 -2.28
N LEU B 60 -1.57 -0.83 -2.24
CA LEU B 60 -2.86 -0.26 -2.60
C LEU B 60 -3.81 -0.12 -1.41
N ALA B 61 -3.34 -0.37 -0.19
CA ALA B 61 -4.22 -0.35 0.98
C ALA B 61 -3.36 -0.12 2.22
N LYS B 62 -3.96 -0.38 3.37
CA LYS B 62 -3.29 -0.13 4.65
C LYS B 62 -2.27 -1.22 4.96
N ILE B 63 -1.08 -0.79 5.39
CA ILE B 63 -0.04 -1.69 5.86
C ILE B 63 -0.43 -2.20 7.25
N TYR B 64 -0.16 -3.47 7.54
CA TYR B 64 -0.45 -3.94 8.90
C TYR B 64 0.75 -4.52 9.63
N ALA B 65 1.75 -5.06 8.94
CA ALA B 65 2.94 -5.61 9.59
C ALA B 65 4.12 -5.58 8.62
N MET B 66 5.32 -5.63 9.19
CA MET B 66 6.53 -5.76 8.40
C MET B 66 7.63 -6.35 9.28
N HIS B 67 8.65 -6.91 8.64
CA HIS B 67 9.73 -7.58 9.34
C HIS B 67 11.03 -7.41 8.55
N TRP B 68 12.13 -7.14 9.25
CA TRP B 68 13.41 -7.01 8.57
C TRP B 68 14.05 -8.39 8.40
N GLY B 69 15.06 -8.45 7.55
CA GLY B 69 15.78 -9.68 7.33
C GLY B 69 16.98 -9.82 8.24
N THR B 70 17.79 -10.84 7.97
CA THR B 70 18.95 -11.10 8.80
C THR B 70 20.22 -10.46 8.24
N ASP B 71 20.16 -9.90 7.05
CA ASP B 71 21.30 -9.21 6.46
C ASP B 71 21.13 -7.70 6.44
N SER B 72 19.99 -7.19 6.91
CA SER B 72 19.73 -5.77 7.02
C SER B 72 19.74 -5.08 5.65
N ARG B 73 19.28 -5.79 4.62
CA ARG B 73 19.14 -5.17 3.31
C ARG B 73 17.78 -5.47 2.69
N LEU B 74 17.19 -6.60 3.04
CA LEU B 74 15.94 -7.05 2.45
C LEU B 74 14.81 -6.98 3.48
N LEU B 75 13.60 -6.69 3.02
CA LEU B 75 12.47 -6.71 3.94
C LEU B 75 11.19 -7.17 3.26
N VAL B 76 10.22 -7.57 4.08
CA VAL B 76 8.91 -8.04 3.63
C VAL B 76 7.84 -7.15 4.23
N SER B 77 6.84 -6.81 3.44
CA SER B 77 5.74 -5.97 3.89
C SER B 77 4.42 -6.54 3.40
N ALA B 78 3.35 -6.26 4.17
CA ALA B 78 2.05 -6.88 3.96
C ALA B 78 0.91 -5.94 4.32
N SER B 79 -0.12 -5.96 3.49
CA SER B 79 -1.25 -5.03 3.54
C SER B 79 -2.57 -5.77 3.38
N GLN B 80 -3.65 -5.04 3.63
CA GLN B 80 -4.99 -5.62 3.55
C GLN B 80 -5.55 -5.52 2.13
N ASP B 81 -4.74 -6.01 1.19
CA ASP B 81 -5.22 -6.30 -0.15
C ASP B 81 -4.73 -7.65 -0.64
N GLY B 82 -4.09 -8.45 0.21
CA GLY B 82 -3.73 -9.81 -0.12
C GLY B 82 -2.38 -9.96 -0.78
N LYS B 83 -1.39 -9.15 -0.42
CA LYS B 83 -0.11 -9.16 -1.09
C LYS B 83 1.04 -9.05 -0.10
N LEU B 84 2.10 -9.82 -0.35
CA LEU B 84 3.38 -9.64 0.29
C LEU B 84 4.36 -9.10 -0.74
N ILE B 85 5.23 -8.18 -0.33
CA ILE B 85 6.27 -7.69 -1.21
C ILE B 85 7.62 -7.78 -0.50
N ILE B 86 8.60 -8.35 -1.19
CA ILE B 86 9.98 -8.39 -0.72
C ILE B 86 10.75 -7.32 -1.47
N TRP B 87 11.21 -6.31 -0.73
CA TRP B 87 11.92 -5.14 -1.23
C TRP B 87 13.41 -5.25 -0.93
N ASP B 88 14.20 -4.76 -1.87
CA ASP B 88 15.59 -4.38 -1.65
C ASP B 88 15.59 -2.91 -1.27
N SER B 89 16.08 -2.60 -0.07
CA SER B 89 15.96 -1.25 0.45
C SER B 89 17.06 -0.31 -0.03
N TYR B 90 18.14 -0.83 -0.62
CA TYR B 90 19.23 0.01 -1.10
C TYR B 90 18.87 0.76 -2.37
N THR B 91 18.22 0.09 -3.33
CA THR B 91 17.89 0.69 -4.61
C THR B 91 16.39 0.72 -4.87
N THR B 92 15.58 0.51 -3.82
CA THR B 92 14.12 0.56 -3.90
C THR B 92 13.59 -0.36 -5.00
N ASN B 93 14.34 -1.43 -5.26
CA ASN B 93 13.94 -2.46 -6.21
C ASN B 93 12.89 -3.35 -5.57
N LYS B 94 12.06 -3.95 -6.41
CA LYS B 94 11.15 -4.99 -5.98
C LYS B 94 11.74 -6.34 -6.34
N VAL B 95 12.01 -7.16 -5.34
CA VAL B 95 12.57 -8.49 -5.56
C VAL B 95 11.49 -9.54 -5.72
N HIS B 96 10.42 -9.46 -4.92
CA HIS B 96 9.35 -10.44 -5.07
C HIS B 96 8.00 -9.82 -4.77
N ALA B 97 6.96 -10.34 -5.42
CA ALA B 97 5.57 -10.03 -5.09
C ALA B 97 4.80 -11.34 -5.02
N ILE B 98 4.25 -11.65 -3.84
CA ILE B 98 3.58 -12.92 -3.58
C ILE B 98 2.10 -12.64 -3.31
N PRO B 99 1.18 -13.24 -4.05
CA PRO B 99 -0.24 -13.05 -3.74
C PRO B 99 -0.70 -14.01 -2.65
N LEU B 100 -1.61 -13.53 -1.82
CA LEU B 100 -2.18 -14.31 -0.73
C LEU B 100 -3.58 -14.78 -1.08
N ARG B 101 -4.06 -15.75 -0.30
CA ARG B 101 -5.35 -16.37 -0.53
C ARG B 101 -6.48 -15.71 0.26
N SER B 102 -6.17 -15.01 1.34
CA SER B 102 -7.17 -14.29 2.12
C SER B 102 -6.71 -12.85 2.29
N SER B 103 -7.68 -11.94 2.41
CA SER B 103 -7.38 -10.52 2.39
C SER B 103 -7.18 -9.92 3.78
N TRP B 104 -7.83 -10.47 4.81
CA TRP B 104 -7.71 -9.90 6.15
C TRP B 104 -6.65 -10.69 6.91
N VAL B 105 -5.43 -10.19 6.85
CA VAL B 105 -4.24 -10.86 7.36
C VAL B 105 -3.47 -9.88 8.24
N MET B 106 -3.05 -10.34 9.42
CA MET B 106 -2.60 -9.43 10.47
C MET B 106 -1.21 -9.71 11.04
N THR B 107 -0.39 -10.53 10.40
CA THR B 107 0.97 -10.74 10.87
C THR B 107 1.85 -11.23 9.74
N CYS B 108 3.17 -11.05 9.90
CA CYS B 108 4.15 -11.59 8.97
C CYS B 108 5.47 -11.74 9.70
N ALA B 109 6.34 -12.59 9.14
CA ALA B 109 7.64 -12.86 9.73
C ALA B 109 8.62 -13.33 8.66
N TYR B 110 9.90 -13.24 8.97
CA TYR B 110 10.97 -13.50 8.01
C TYR B 110 11.95 -14.48 8.63
N ALA B 111 12.09 -15.66 8.02
CA ALA B 111 12.88 -16.73 8.61
C ALA B 111 14.35 -16.33 8.67
N PRO B 112 15.09 -16.73 9.70
CA PRO B 112 16.47 -16.28 9.85
C PRO B 112 17.41 -16.72 8.74
N SER B 113 17.20 -17.90 8.16
CA SER B 113 18.11 -18.41 7.14
C SER B 113 17.88 -17.77 5.78
N GLY B 114 16.81 -17.00 5.60
CA GLY B 114 16.52 -16.37 4.35
C GLY B 114 15.83 -17.25 3.33
N ASN B 115 15.24 -18.36 3.75
CA ASN B 115 14.59 -19.28 2.84
C ASN B 115 13.07 -19.23 2.90
N TYR B 116 12.49 -18.88 4.04
CA TYR B 116 11.05 -19.00 4.25
C TYR B 116 10.45 -17.71 4.75
N VAL B 117 9.14 -17.56 4.54
CA VAL B 117 8.34 -16.51 5.16
C VAL B 117 7.06 -17.13 5.71
N ALA B 118 6.32 -16.33 6.50
CA ALA B 118 5.08 -16.80 7.10
C ALA B 118 4.04 -15.70 7.07
N CYS B 119 2.76 -16.10 7.13
CA CYS B 119 1.69 -15.13 7.26
C CYS B 119 0.47 -15.79 7.91
N GLY B 120 -0.44 -14.96 8.42
CA GLY B 120 -1.63 -15.46 9.09
C GLY B 120 -2.58 -14.34 9.48
N GLY B 121 -3.83 -14.73 9.72
CA GLY B 121 -4.88 -13.77 10.03
C GLY B 121 -6.19 -14.37 10.49
N LEU B 122 -7.30 -13.85 9.96
CA LEU B 122 -8.65 -14.22 10.38
C LEU B 122 -9.08 -15.60 9.90
N ASP B 123 -8.32 -16.25 9.03
CA ASP B 123 -8.66 -17.59 8.59
C ASP B 123 -8.21 -18.66 9.56
N ASN B 124 -7.56 -18.28 10.66
CA ASN B 124 -7.14 -19.17 11.74
C ASN B 124 -6.08 -20.17 11.31
N ILE B 125 -5.47 -19.97 10.14
CA ILE B 125 -4.48 -20.89 9.59
C ILE B 125 -3.22 -20.11 9.29
N CYS B 126 -2.07 -20.70 9.62
CA CYS B 126 -0.77 -20.06 9.40
C CYS B 126 -0.08 -20.69 8.20
N SER B 127 0.37 -19.87 7.26
CA SER B 127 0.96 -20.34 6.02
C SER B 127 2.46 -20.06 6.00
N ILE B 128 3.23 -21.07 5.57
CA ILE B 128 4.68 -20.98 5.47
C ILE B 128 5.09 -21.19 4.02
N TYR B 129 5.84 -20.22 3.49
CA TYR B 129 6.21 -20.08 2.08
C TYR B 129 7.72 -20.28 1.89
N ASN B 130 8.08 -20.91 0.77
CA ASN B 130 9.46 -21.26 0.44
C ASN B 130 9.95 -20.37 -0.69
N LEU B 131 11.18 -19.86 -0.56
CA LEU B 131 11.68 -18.88 -1.52
C LEU B 131 12.68 -19.44 -2.52
N LYS B 132 13.52 -20.38 -2.12
CA LYS B 132 14.57 -20.92 -2.99
C LYS B 132 14.04 -22.20 -3.63
N THR B 133 13.84 -22.16 -4.95
CA THR B 133 13.25 -23.25 -5.69
C THR B 133 14.00 -23.44 -7.00
N ARG B 134 14.02 -24.68 -7.48
CA ARG B 134 14.60 -24.99 -8.78
C ARG B 134 13.70 -24.61 -9.96
N GLU B 135 12.40 -24.43 -9.72
CA GLU B 135 11.49 -24.10 -10.80
C GLU B 135 11.43 -22.59 -11.06
N GLY B 136 11.71 -21.77 -10.05
CA GLY B 136 11.81 -20.34 -10.25
C GLY B 136 10.73 -19.51 -9.61
N ASN B 137 9.78 -20.15 -8.93
CA ASN B 137 8.67 -19.45 -8.30
C ASN B 137 8.72 -19.58 -6.78
N VAL B 138 7.91 -18.76 -6.12
CA VAL B 138 7.69 -18.86 -4.69
C VAL B 138 6.36 -19.58 -4.46
N ARG B 139 6.41 -20.73 -3.81
CA ARG B 139 5.22 -21.55 -3.63
C ARG B 139 5.06 -21.95 -2.18
N VAL B 140 3.81 -22.11 -1.76
CA VAL B 140 3.50 -22.43 -0.37
C VAL B 140 3.98 -23.82 -0.04
N SER B 141 4.45 -24.01 1.18
CA SER B 141 4.97 -25.29 1.65
C SER B 141 4.13 -25.89 2.76
N ARG B 142 3.71 -25.10 3.75
CA ARG B 142 2.96 -25.67 4.86
C ARG B 142 1.76 -24.81 5.23
N GLU B 143 0.69 -25.48 5.66
CA GLU B 143 -0.46 -24.86 6.32
C GLU B 143 -0.60 -25.49 7.69
N LEU B 144 -0.66 -24.66 8.73
CA LEU B 144 -0.76 -25.10 10.10
C LEU B 144 -2.11 -24.66 10.66
N ALA B 145 -2.87 -25.63 11.17
CA ALA B 145 -4.25 -25.41 11.62
C ALA B 145 -4.47 -26.14 12.93
N GLY B 146 -5.44 -25.65 13.70
CA GLY B 146 -5.68 -26.20 15.02
C GLY B 146 -6.13 -25.19 16.05
N HIS B 147 -6.13 -23.91 15.69
CA HIS B 147 -6.61 -22.87 16.59
C HIS B 147 -8.11 -22.66 16.43
N THR B 148 -8.73 -22.10 17.46
CA THR B 148 -10.16 -21.82 17.44
C THR B 148 -10.47 -20.33 17.40
N GLY B 149 -9.47 -19.47 17.25
CA GLY B 149 -9.70 -18.05 17.18
C GLY B 149 -8.69 -17.35 16.28
N TYR B 150 -8.87 -16.05 16.08
CA TYR B 150 -8.05 -15.32 15.13
C TYR B 150 -6.60 -15.28 15.59
N LEU B 151 -5.71 -15.02 14.64
CA LEU B 151 -4.28 -15.20 14.82
C LEU B 151 -3.61 -13.84 14.93
N SER B 152 -2.80 -13.65 15.97
CA SER B 152 -2.24 -12.32 16.20
C SER B 152 -0.79 -12.21 15.72
N CYS B 153 0.10 -13.08 16.22
CA CYS B 153 1.50 -12.98 15.87
C CYS B 153 2.11 -14.36 15.75
N CYS B 154 3.13 -14.48 14.91
CA CYS B 154 3.86 -15.72 14.71
C CYS B 154 5.30 -15.40 14.37
N ARG B 155 6.22 -16.11 15.02
CA ARG B 155 7.64 -15.86 14.86
C ARG B 155 8.39 -17.17 14.72
N PHE B 156 9.33 -17.21 13.79
CA PHE B 156 10.17 -18.39 13.60
C PHE B 156 11.13 -18.54 14.77
N LEU B 157 11.55 -19.78 14.99
CA LEU B 157 12.57 -20.10 15.98
C LEU B 157 13.79 -20.77 15.35
N ASP B 158 13.55 -21.76 14.50
CA ASP B 158 14.55 -22.44 13.68
C ASP B 158 13.95 -22.59 12.29
N ASP B 159 14.52 -23.46 11.48
CA ASP B 159 13.94 -23.78 10.19
C ASP B 159 12.82 -24.80 10.28
N ASN B 160 12.58 -25.38 11.46
CA ASN B 160 11.53 -26.38 11.62
C ASN B 160 10.56 -26.11 12.76
N GLN B 161 10.81 -25.12 13.61
CA GLN B 161 9.98 -24.85 14.76
C GLN B 161 9.43 -23.42 14.69
N ILE B 162 8.12 -23.28 14.90
CA ILE B 162 7.46 -21.98 14.83
C ILE B 162 6.57 -21.82 16.06
N VAL B 163 6.26 -20.57 16.41
CA VAL B 163 5.46 -20.25 17.59
C VAL B 163 4.26 -19.42 17.15
N THR B 164 3.11 -19.67 17.76
CA THR B 164 1.86 -19.09 17.31
C THR B 164 0.99 -18.66 18.49
N SER B 165 0.38 -17.48 18.37
CA SER B 165 -0.51 -16.93 19.37
C SER B 165 -1.83 -16.50 18.75
N SER B 166 -2.93 -16.81 19.42
CA SER B 166 -4.27 -16.55 18.94
C SER B 166 -5.09 -15.85 20.02
N GLY B 167 -6.32 -15.50 19.66
CA GLY B 167 -7.26 -14.86 20.53
C GLY B 167 -8.22 -15.78 21.25
N ASP B 168 -7.92 -17.09 21.27
CA ASP B 168 -8.70 -18.06 22.00
C ASP B 168 -8.11 -18.39 23.36
N THR B 169 -7.17 -17.58 23.84
CA THR B 169 -6.47 -17.62 25.13
C THR B 169 -5.37 -18.67 25.19
N THR B 170 -4.83 -19.15 24.07
CA THR B 170 -3.82 -20.19 24.07
C THR B 170 -2.65 -19.81 23.16
N CYS B 171 -1.51 -20.47 23.38
CA CYS B 171 -0.35 -20.35 22.51
C CYS B 171 0.19 -21.73 22.18
N ALA B 172 0.89 -21.85 21.05
CA ALA B 172 1.29 -23.16 20.58
C ALA B 172 2.69 -23.14 19.99
N LEU B 173 3.39 -24.28 20.12
CA LEU B 173 4.67 -24.50 19.47
C LEU B 173 4.53 -25.61 18.44
N TRP B 174 4.93 -25.33 17.20
CA TRP B 174 4.69 -26.22 16.07
C TRP B 174 6.00 -26.73 15.48
N ASP B 175 5.97 -28.00 15.09
CA ASP B 175 7.04 -28.63 14.32
C ASP B 175 6.62 -28.61 12.85
N ILE B 176 7.38 -27.91 12.02
CA ILE B 176 6.95 -27.64 10.65
C ILE B 176 6.96 -28.93 9.82
N GLU B 177 7.97 -29.77 10.01
CA GLU B 177 8.11 -30.96 9.17
C GLU B 177 6.94 -31.91 9.33
N THR B 178 6.48 -32.14 10.57
CA THR B 178 5.40 -33.08 10.82
C THR B 178 4.03 -32.45 10.63
N GLY B 179 3.81 -31.27 11.21
CA GLY B 179 2.54 -30.60 11.09
C GLY B 179 1.62 -30.74 12.29
N GLN B 180 2.18 -31.02 13.47
CA GLN B 180 1.39 -31.21 14.67
C GLN B 180 2.00 -30.44 15.82
N GLN B 181 1.13 -29.95 16.71
CA GLN B 181 1.59 -29.22 17.88
C GLN B 181 2.35 -30.15 18.82
N THR B 182 3.40 -29.62 19.44
CA THR B 182 4.14 -30.34 20.46
C THR B 182 3.87 -29.85 21.87
N THR B 183 3.46 -28.59 22.05
CA THR B 183 3.07 -28.12 23.36
C THR B 183 2.17 -26.89 23.23
N THR B 184 1.23 -26.78 24.16
CA THR B 184 0.26 -25.70 24.23
C THR B 184 0.37 -25.01 25.58
N PHE B 185 0.15 -23.71 25.57
CA PHE B 185 0.25 -22.86 26.76
C PHE B 185 -1.11 -22.24 27.02
N THR B 186 -1.65 -22.51 28.21
CA THR B 186 -2.95 -22.02 28.63
C THR B 186 -2.81 -21.39 30.01
N GLY B 187 -3.71 -20.46 30.31
CA GLY B 187 -3.64 -19.76 31.58
C GLY B 187 -4.09 -18.31 31.55
N HIS B 188 -4.34 -17.77 30.37
CA HIS B 188 -4.91 -16.43 30.30
C HIS B 188 -6.42 -16.49 30.44
N THR B 189 -7.02 -15.33 30.70
CA THR B 189 -8.48 -15.19 30.69
C THR B 189 -9.01 -14.59 29.41
N GLY B 190 -8.51 -13.42 29.01
CA GLY B 190 -8.88 -12.81 27.74
C GLY B 190 -7.95 -13.21 26.62
N ASP B 191 -8.21 -12.63 25.45
CA ASP B 191 -7.45 -12.96 24.25
C ASP B 191 -6.07 -12.32 24.27
N VAL B 192 -5.14 -12.89 23.49
CA VAL B 192 -3.73 -12.51 23.49
C VAL B 192 -3.45 -11.68 22.26
N MET B 193 -2.52 -10.73 22.36
CA MET B 193 -2.25 -9.81 21.26
C MET B 193 -0.82 -9.91 20.70
N SER B 194 0.20 -9.96 21.56
CA SER B 194 1.55 -9.87 21.04
C SER B 194 2.52 -10.71 21.86
N LEU B 195 3.58 -11.18 21.19
CA LEU B 195 4.63 -12.00 21.77
C LEU B 195 5.99 -11.63 21.18
N SER B 196 7.05 -11.96 21.93
CA SER B 196 8.41 -11.75 21.45
C SER B 196 9.34 -12.79 22.04
N LEU B 197 10.49 -12.96 21.38
CA LEU B 197 11.41 -14.07 21.63
C LEU B 197 12.77 -13.54 22.07
N ALA B 198 13.38 -14.25 23.01
CA ALA B 198 14.67 -13.82 23.54
C ALA B 198 15.78 -14.17 22.57
N PRO B 199 16.93 -13.49 22.68
CA PRO B 199 18.07 -13.85 21.83
C PRO B 199 18.55 -15.28 21.96
N ASP B 200 18.44 -15.89 23.14
CA ASP B 200 18.90 -17.25 23.36
C ASP B 200 17.92 -18.30 22.84
N THR B 201 16.72 -17.88 22.42
CA THR B 201 15.71 -18.75 21.83
C THR B 201 15.40 -19.95 22.73
N ARG B 202 15.09 -19.67 24.00
CA ARG B 202 14.63 -20.67 24.93
C ARG B 202 13.39 -20.26 25.70
N LEU B 203 13.10 -18.96 25.79
CA LEU B 203 11.93 -18.45 26.49
C LEU B 203 11.23 -17.41 25.62
N PHE B 204 9.97 -17.11 25.93
CA PHE B 204 9.28 -16.07 25.17
C PHE B 204 8.14 -15.47 25.99
N VAL B 205 7.80 -14.21 25.66
CA VAL B 205 6.88 -13.42 26.48
C VAL B 205 5.67 -13.01 25.65
N SER B 206 4.51 -12.84 26.32
CA SER B 206 3.30 -12.43 25.61
C SER B 206 2.33 -11.69 26.55
N GLY B 207 1.57 -10.76 25.95
CA GLY B 207 0.58 -9.98 26.67
C GLY B 207 -0.82 -10.27 26.13
N ALA B 208 -1.83 -10.16 27.01
CA ALA B 208 -3.11 -10.81 26.72
C ALA B 208 -4.43 -10.05 26.98
N CYS B 209 -4.42 -8.73 26.82
CA CYS B 209 -5.67 -7.96 26.91
C CYS B 209 -6.39 -8.03 28.25
N ASP B 210 -5.66 -8.32 29.32
CA ASP B 210 -6.22 -8.29 30.67
C ASP B 210 -5.35 -7.51 31.63
N ALA B 211 -4.55 -6.57 31.13
CA ALA B 211 -3.57 -5.84 31.94
C ALA B 211 -2.62 -6.79 32.65
N SER B 212 -2.27 -7.88 31.97
CA SER B 212 -1.37 -8.88 32.52
C SER B 212 -0.46 -9.38 31.42
N ALA B 213 0.75 -9.77 31.81
CA ALA B 213 1.72 -10.30 30.86
C ALA B 213 2.36 -11.54 31.47
N LYS B 214 2.77 -12.47 30.62
CA LYS B 214 3.32 -13.72 31.09
C LYS B 214 4.60 -14.09 30.35
N LEU B 215 5.51 -14.73 31.08
CA LEU B 215 6.74 -15.28 30.52
C LEU B 215 6.62 -16.80 30.48
N TRP B 216 7.05 -17.41 29.38
CA TRP B 216 6.84 -18.82 29.13
C TRP B 216 8.14 -19.53 28.79
N ASP B 217 8.23 -20.80 29.20
CA ASP B 217 9.38 -21.67 28.98
C ASP B 217 9.01 -22.66 27.88
N VAL B 218 9.91 -22.84 26.91
CA VAL B 218 9.60 -23.65 25.74
C VAL B 218 9.78 -25.14 26.04
N ARG B 219 10.91 -25.49 26.66
CA ARG B 219 11.27 -26.88 26.85
C ARG B 219 10.37 -27.60 27.84
N GLU B 220 9.55 -26.88 28.61
CA GLU B 220 8.72 -27.51 29.62
C GLU B 220 7.23 -27.42 29.34
N GLY B 221 6.71 -26.23 29.02
CA GLY B 221 5.29 -26.05 28.80
C GLY B 221 4.54 -25.35 29.90
N MET B 222 5.22 -24.89 30.94
CA MET B 222 4.59 -24.27 32.09
C MET B 222 4.90 -22.78 32.13
N CYS B 223 3.96 -22.02 32.67
CA CYS B 223 4.14 -20.58 32.86
C CYS B 223 4.95 -20.34 34.13
N ARG B 224 6.00 -19.53 34.01
CA ARG B 224 6.83 -19.27 35.17
C ARG B 224 6.40 -18.04 35.96
N GLN B 225 5.98 -16.96 35.31
CA GLN B 225 5.58 -15.78 36.07
C GLN B 225 4.72 -14.87 35.22
N THR B 226 3.93 -14.05 35.94
CA THR B 226 3.02 -13.08 35.35
C THR B 226 3.12 -11.76 36.10
N PHE B 227 2.83 -10.67 35.38
CA PHE B 227 2.92 -9.31 35.91
C PHE B 227 1.65 -8.56 35.57
N THR B 228 1.32 -7.58 36.42
CA THR B 228 0.12 -6.77 36.23
C THR B 228 0.46 -5.29 36.35
N GLY B 229 -0.53 -4.44 36.12
CA GLY B 229 -0.35 -3.02 36.29
C GLY B 229 -1.09 -2.10 35.33
N HIS B 230 -1.40 -2.57 34.13
CA HIS B 230 -2.10 -1.72 33.19
C HIS B 230 -3.58 -1.63 33.55
N GLU B 231 -4.35 -0.93 32.70
CA GLU B 231 -5.77 -0.73 32.94
C GLU B 231 -6.65 -1.11 31.75
N SER B 232 -6.06 -1.47 30.62
CA SER B 232 -6.82 -1.89 29.46
C SER B 232 -5.97 -2.86 28.66
N ASP B 233 -6.31 -3.05 27.38
CA ASP B 233 -5.62 -4.00 26.54
C ASP B 233 -4.13 -3.70 26.44
N ILE B 234 -3.35 -4.71 26.07
CA ILE B 234 -1.94 -4.57 25.74
C ILE B 234 -1.79 -4.77 24.24
N ASN B 235 -1.14 -3.83 23.56
CA ASN B 235 -1.08 -3.85 22.11
C ASN B 235 0.29 -4.16 21.53
N ALA B 236 1.37 -4.04 22.31
CA ALA B 236 2.69 -4.31 21.78
C ALA B 236 3.60 -4.79 22.89
N ILE B 237 4.67 -5.48 22.50
CA ILE B 237 5.66 -5.99 23.44
C ILE B 237 6.95 -6.24 22.66
N CYS B 238 8.09 -6.13 23.35
CA CYS B 238 9.38 -6.29 22.71
C CYS B 238 10.41 -6.71 23.74
N PHE B 239 11.49 -7.31 23.25
CA PHE B 239 12.61 -7.74 24.08
C PHE B 239 13.77 -6.75 24.03
N PHE B 240 14.33 -6.48 25.20
CA PHE B 240 15.61 -5.79 25.30
C PHE B 240 16.71 -6.69 24.74
N PRO B 241 17.81 -6.14 24.24
CA PRO B 241 18.83 -6.99 23.61
C PRO B 241 19.39 -8.09 24.49
N ASN B 242 19.53 -7.90 25.79
CA ASN B 242 20.21 -8.90 26.60
C ASN B 242 19.30 -10.04 27.04
N GLY B 243 17.99 -9.93 26.84
CA GLY B 243 17.08 -11.02 27.14
C GLY B 243 16.62 -11.12 28.58
N ASN B 244 16.76 -10.07 29.40
CA ASN B 244 16.13 -10.03 30.71
C ASN B 244 15.40 -8.72 30.97
N ALA B 245 14.56 -8.29 30.02
CA ALA B 245 13.72 -7.11 30.19
C ALA B 245 12.65 -7.13 29.10
N PHE B 246 11.62 -6.31 29.29
CA PHE B 246 10.68 -6.08 28.20
C PHE B 246 9.85 -4.84 28.48
N ALA B 247 9.22 -4.33 27.42
CA ALA B 247 8.44 -3.11 27.45
C ALA B 247 7.12 -3.34 26.74
N THR B 248 6.07 -2.71 27.26
CA THR B 248 4.72 -2.88 26.75
C THR B 248 4.06 -1.53 26.53
N GLY B 249 3.15 -1.51 25.56
CA GLY B 249 2.27 -0.38 25.36
C GLY B 249 0.82 -0.82 25.42
N SER B 250 -0.05 0.13 25.79
CA SER B 250 -1.45 -0.19 26.04
C SER B 250 -2.33 0.94 25.51
N ASP B 251 -3.63 0.66 25.45
CA ASP B 251 -4.62 1.68 25.05
C ASP B 251 -4.88 2.71 26.15
N ASP B 252 -4.11 2.70 27.22
CA ASP B 252 -4.16 3.74 28.24
C ASP B 252 -3.24 4.91 27.92
N ALA B 253 -2.58 4.89 26.76
CA ALA B 253 -1.59 5.89 26.37
C ALA B 253 -0.38 5.88 27.31
N THR B 254 -0.21 4.78 28.03
CA THR B 254 0.86 4.63 28.99
C THR B 254 1.75 3.48 28.58
N CYS B 255 3.06 3.71 28.55
CA CYS B 255 4.02 2.65 28.26
C CYS B 255 4.69 2.22 29.55
N ARG B 256 5.06 0.95 29.64
CA ARG B 256 5.65 0.42 30.85
C ARG B 256 6.86 -0.46 30.54
N LEU B 257 7.84 -0.43 31.43
CA LEU B 257 9.03 -1.25 31.34
C LEU B 257 9.10 -2.16 32.56
N PHE B 258 9.13 -3.48 32.31
CA PHE B 258 9.24 -4.53 33.31
C PHE B 258 10.57 -5.25 33.19
N ASP B 259 11.04 -5.78 34.32
CA ASP B 259 12.21 -6.64 34.38
C ASP B 259 11.78 -8.00 34.93
N LEU B 260 12.41 -9.08 34.45
CA LEU B 260 11.98 -10.42 34.81
C LEU B 260 12.67 -10.97 36.06
N ARG B 261 13.67 -10.27 36.59
CA ARG B 261 14.33 -10.70 37.82
C ARG B 261 13.97 -9.84 39.03
N ALA B 262 13.46 -8.63 38.82
CA ALA B 262 12.91 -7.85 39.91
C ALA B 262 11.49 -8.26 40.26
N ASP B 263 10.80 -8.92 39.33
CA ASP B 263 9.43 -9.39 39.54
C ASP B 263 8.49 -8.24 39.91
N GLN B 264 8.72 -7.07 39.33
CA GLN B 264 7.84 -5.92 39.56
C GLN B 264 8.06 -4.92 38.43
N GLU B 265 7.15 -3.97 38.34
CA GLU B 265 7.21 -2.92 37.33
C GLU B 265 8.36 -1.96 37.63
N LEU B 266 9.00 -1.44 36.59
CA LEU B 266 10.10 -0.50 36.76
C LEU B 266 9.81 0.90 36.28
N MET B 267 9.40 1.10 35.03
CA MET B 267 9.26 2.48 34.55
C MET B 267 7.95 2.71 33.82
N THR B 268 7.45 3.94 33.93
CA THR B 268 6.23 4.38 33.27
C THR B 268 6.51 5.61 32.40
N TYR B 269 6.06 5.54 31.16
CA TYR B 269 6.16 6.65 30.22
C TYR B 269 4.75 7.17 29.95
N SER B 270 4.56 8.47 30.17
CA SER B 270 3.25 9.09 29.99
C SER B 270 3.44 10.58 29.78
N HIS B 271 2.39 11.21 29.24
CA HIS B 271 2.36 12.65 29.06
C HIS B 271 0.91 13.11 29.17
N ASP B 272 0.73 14.40 29.44
CA ASP B 272 -0.62 14.91 29.66
C ASP B 272 -1.30 15.32 28.36
N ASN B 273 -0.54 15.65 27.33
CA ASN B 273 -1.09 16.08 26.05
C ASN B 273 -1.41 14.91 25.13
N ILE B 274 -1.19 13.68 25.57
CA ILE B 274 -1.43 12.49 24.77
C ILE B 274 -2.66 11.78 25.34
N ILE B 275 -3.61 11.47 24.46
CA ILE B 275 -4.83 10.77 24.83
C ILE B 275 -5.12 9.60 23.91
N CYS B 276 -4.14 9.19 23.11
CA CYS B 276 -4.30 8.06 22.20
C CYS B 276 -3.33 6.95 22.58
N GLY B 277 -3.72 5.70 22.29
CA GLY B 277 -2.95 4.55 22.68
C GLY B 277 -1.76 4.27 21.78
N ILE B 278 -1.11 3.14 22.06
CA ILE B 278 0.13 2.76 21.40
C ILE B 278 -0.15 1.55 20.51
N THR B 279 0.35 1.58 19.27
CA THR B 279 0.14 0.46 18.37
C THR B 279 1.35 -0.44 18.21
N SER B 280 2.57 0.09 18.25
CA SER B 280 3.75 -0.74 18.00
C SER B 280 4.93 -0.19 18.79
N VAL B 281 5.77 -1.10 19.25
CA VAL B 281 6.93 -0.75 20.07
C VAL B 281 8.14 -1.55 19.60
N SER B 282 9.30 -0.90 19.57
CA SER B 282 10.54 -1.56 19.20
C SER B 282 11.70 -0.92 19.95
N PHE B 283 12.81 -1.65 20.03
CA PHE B 283 13.98 -1.19 20.75
C PHE B 283 15.11 -0.85 19.77
N SER B 284 16.25 -0.45 20.31
CA SER B 284 17.43 -0.13 19.52
C SER B 284 18.56 -1.11 19.80
N LYS B 285 19.72 -0.84 19.21
CA LYS B 285 20.82 -1.80 19.32
C LYS B 285 21.44 -1.77 20.70
N SER B 286 21.67 -0.58 21.24
CA SER B 286 22.26 -0.45 22.56
C SER B 286 21.23 -0.33 23.67
N GLY B 287 19.94 -0.38 23.33
CA GLY B 287 18.91 -0.18 24.31
C GLY B 287 18.72 1.25 24.75
N ARG B 288 19.17 2.22 23.97
CA ARG B 288 19.07 3.61 24.42
C ARG B 288 17.88 4.32 23.82
N LEU B 289 17.43 3.93 22.63
CA LEU B 289 16.26 4.54 22.04
C LEU B 289 15.08 3.56 22.03
N LEU B 290 13.97 3.98 22.63
CA LEU B 290 12.73 3.21 22.64
C LEU B 290 11.75 3.93 21.73
N LEU B 291 11.31 3.26 20.68
CA LEU B 291 10.54 3.91 19.63
C LEU B 291 9.12 3.37 19.63
N ALA B 292 8.14 4.26 19.44
CA ALA B 292 6.75 3.81 19.55
C ALA B 292 5.84 4.62 18.63
N GLY B 293 4.91 3.93 17.98
CA GLY B 293 3.95 4.58 17.10
C GLY B 293 2.59 4.76 17.76
N TYR B 294 1.99 5.92 17.54
CA TYR B 294 0.75 6.26 18.24
C TYR B 294 -0.38 6.48 17.26
N ASP B 295 -1.59 6.68 17.81
CA ASP B 295 -2.77 6.92 16.99
C ASP B 295 -2.94 8.39 16.66
N ASP B 296 -1.99 9.24 17.05
CA ASP B 296 -2.02 10.66 16.74
C ASP B 296 -1.37 11.02 15.42
N PHE B 297 -1.13 10.02 14.55
CA PHE B 297 -0.61 10.24 13.20
C PHE B 297 0.91 10.30 13.11
N ASN B 298 1.62 9.91 14.17
CA ASN B 298 3.06 10.03 14.18
C ASN B 298 3.69 9.00 15.12
N CYS B 299 5.00 9.13 15.29
CA CYS B 299 5.80 8.22 16.08
C CYS B 299 6.68 9.03 17.00
N ASN B 300 7.01 8.47 18.16
CA ASN B 300 7.78 9.17 19.16
C ASN B 300 9.00 8.37 19.54
N VAL B 301 10.11 9.07 19.75
CA VAL B 301 11.40 8.49 20.08
C VAL B 301 11.70 8.88 21.52
N TRP B 302 11.74 7.89 22.40
CA TRP B 302 11.90 8.05 23.83
C TRP B 302 13.31 7.63 24.24
N ASP B 303 13.83 8.25 25.27
CA ASP B 303 15.06 7.80 25.91
C ASP B 303 14.63 6.83 27.01
N ALA B 304 15.02 5.56 26.86
CA ALA B 304 14.51 4.51 27.74
C ALA B 304 14.89 4.73 29.19
N LEU B 305 16.13 5.11 29.45
CA LEU B 305 16.61 5.26 30.82
C LEU B 305 16.24 6.60 31.45
N LYS B 306 15.55 7.48 30.72
CA LYS B 306 15.14 8.78 31.27
C LYS B 306 13.65 8.98 31.34
N ALA B 307 12.88 8.33 30.47
CA ALA B 307 11.44 8.57 30.37
C ALA B 307 11.15 10.04 30.07
N ASP B 308 11.71 10.52 28.96
CA ASP B 308 11.43 11.84 28.44
C ASP B 308 11.30 11.75 26.93
N ARG B 309 10.92 12.86 26.31
CA ARG B 309 10.75 12.91 24.86
C ARG B 309 12.04 13.34 24.21
N ALA B 310 12.59 12.48 23.36
CA ALA B 310 13.82 12.82 22.65
C ALA B 310 13.57 13.26 21.22
N GLY B 311 12.58 12.69 20.54
CA GLY B 311 12.34 13.10 19.18
C GLY B 311 10.96 12.69 18.70
N VAL B 312 10.62 13.21 17.52
CA VAL B 312 9.34 12.94 16.89
C VAL B 312 9.58 12.63 15.42
N LEU B 313 8.81 11.69 14.88
CA LEU B 313 8.75 11.44 13.45
C LEU B 313 7.32 11.69 13.00
N ALA B 314 7.15 12.69 12.15
CA ALA B 314 5.82 13.21 11.82
C ALA B 314 5.66 13.36 10.32
N GLY B 315 6.01 12.32 9.57
CA GLY B 315 5.92 12.35 8.13
C GLY B 315 4.70 11.68 7.52
N HIS B 316 3.85 11.05 8.31
CA HIS B 316 2.74 10.26 7.78
C HIS B 316 1.43 11.03 7.83
N ASP B 317 0.51 10.64 6.96
CA ASP B 317 -0.81 11.26 6.86
C ASP B 317 -1.90 10.42 7.49
N ASN B 318 -1.57 9.39 8.24
CA ASN B 318 -2.56 8.54 8.90
C ASN B 318 -1.88 7.82 10.06
N ARG B 319 -2.60 6.86 10.63
CA ARG B 319 -2.11 6.17 11.82
C ARG B 319 -0.93 5.28 11.48
N VAL B 320 0.06 5.26 12.37
CA VAL B 320 1.26 4.45 12.18
C VAL B 320 1.08 3.13 12.90
N SER B 321 1.25 2.02 12.17
CA SER B 321 1.00 0.70 12.72
C SER B 321 2.14 -0.29 12.57
N CYS B 322 3.27 0.10 11.97
CA CYS B 322 4.39 -0.83 11.81
C CYS B 322 5.68 -0.08 12.07
N LEU B 323 6.55 -0.67 12.89
CA LEU B 323 7.82 -0.03 13.23
C LEU B 323 8.89 -1.11 13.35
N GLY B 324 10.06 -0.88 12.74
CA GLY B 324 11.12 -1.88 12.75
C GLY B 324 12.51 -1.29 12.74
N VAL B 325 13.44 -2.04 13.30
CA VAL B 325 14.83 -1.61 13.48
C VAL B 325 15.77 -2.69 12.97
N THR B 326 16.91 -2.29 12.44
CA THR B 326 17.82 -3.18 11.73
C THR B 326 18.62 -4.04 12.71
N ASP B 327 19.31 -5.04 12.14
CA ASP B 327 20.19 -5.89 12.92
C ASP B 327 21.58 -5.29 13.06
N ASP B 328 21.95 -4.36 12.18
CA ASP B 328 23.23 -3.66 12.30
C ASP B 328 23.10 -2.27 12.88
N GLY B 329 21.88 -1.74 13.03
CA GLY B 329 21.66 -0.44 13.64
C GLY B 329 21.66 0.74 12.67
N MET B 330 21.57 0.50 11.36
CA MET B 330 21.78 1.58 10.40
C MET B 330 20.49 2.23 9.91
N ALA B 331 19.32 1.65 10.17
CA ALA B 331 18.11 2.24 9.62
C ALA B 331 16.92 1.96 10.52
N VAL B 332 15.82 2.68 10.25
CA VAL B 332 14.53 2.45 10.89
C VAL B 332 13.47 2.45 9.79
N ALA B 333 12.45 1.61 9.95
CA ALA B 333 11.40 1.51 8.94
C ALA B 333 10.04 1.72 9.58
N THR B 334 9.19 2.49 8.90
CA THR B 334 7.85 2.79 9.40
C THR B 334 6.81 2.55 8.32
N GLY B 335 5.65 2.07 8.76
CA GLY B 335 4.55 1.82 7.86
C GLY B 335 3.25 2.21 8.52
N SER B 336 2.41 2.89 7.73
CA SER B 336 1.20 3.52 8.28
C SER B 336 0.07 3.31 7.29
N TRP B 337 -1.11 3.79 7.67
CA TRP B 337 -2.33 3.53 6.92
C TRP B 337 -2.39 4.25 5.59
N ASP B 338 -1.36 5.02 5.23
CA ASP B 338 -1.37 5.81 4.01
C ASP B 338 -0.90 5.05 2.80
N SER B 339 -0.59 3.76 2.94
CA SER B 339 -0.10 2.86 1.90
C SER B 339 1.35 3.11 1.51
N PHE B 340 2.14 3.75 2.37
CA PHE B 340 3.55 3.98 2.09
C PHE B 340 4.42 3.42 3.21
N LEU B 341 5.61 2.98 2.84
CA LEU B 341 6.67 2.63 3.78
C LEU B 341 7.77 3.67 3.68
N LYS B 342 8.43 3.93 4.79
CA LYS B 342 9.50 4.91 4.84
C LYS B 342 10.71 4.34 5.56
N ILE B 343 11.89 4.74 5.08
CA ILE B 343 13.17 4.34 5.68
C ILE B 343 13.87 5.59 6.17
N TRP B 344 14.27 5.57 7.45
CA TRP B 344 14.79 6.72 8.16
C TRP B 344 16.21 6.44 8.61
N ASN B 345 17.08 7.42 8.42
CA ASN B 345 18.45 7.37 8.92
C ASN B 345 18.97 8.79 9.10
N VAL C 1 15.27 -29.01 -14.09
CA VAL C 1 14.71 -28.45 -15.30
C VAL C 1 15.20 -29.23 -16.51
N GLN C 2 14.91 -28.74 -17.72
CA GLN C 2 15.38 -29.40 -18.93
C GLN C 2 15.23 -28.48 -20.13
N LEU C 3 16.24 -28.48 -21.00
CA LEU C 3 16.23 -27.71 -22.24
C LEU C 3 16.67 -28.63 -23.38
N VAL C 4 15.97 -28.55 -24.51
CA VAL C 4 16.26 -29.39 -25.68
C VAL C 4 16.33 -28.48 -26.90
N GLU C 5 17.46 -28.53 -27.62
CA GLU C 5 17.64 -27.69 -28.79
C GLU C 5 17.59 -28.54 -30.06
N SER C 6 17.40 -27.87 -31.19
CA SER C 6 17.34 -28.57 -32.47
C SER C 6 17.66 -27.60 -33.60
N GLY C 7 18.07 -28.16 -34.74
CA GLY C 7 18.22 -27.39 -35.95
C GLY C 7 19.55 -27.50 -36.65
N GLY C 8 20.42 -28.42 -36.26
CA GLY C 8 21.73 -28.54 -36.85
C GLY C 8 21.69 -29.13 -38.24
N GLY C 9 22.86 -29.22 -38.86
CA GLY C 9 22.96 -29.83 -40.17
C GLY C 9 24.17 -29.33 -40.94
N LEU C 10 24.21 -29.70 -42.21
CA LEU C 10 25.26 -29.32 -43.14
C LEU C 10 24.68 -28.45 -44.24
N VAL C 11 25.33 -27.32 -44.51
CA VAL C 11 24.81 -26.35 -45.47
C VAL C 11 25.87 -26.01 -46.50
N GLN C 12 25.41 -25.54 -47.66
CA GLN C 12 26.21 -25.02 -48.75
C GLN C 12 26.35 -23.51 -48.62
N PRO C 13 27.41 -22.92 -49.18
CA PRO C 13 27.61 -21.47 -49.02
C PRO C 13 26.44 -20.69 -49.58
N GLY C 14 26.11 -19.60 -48.90
CA GLY C 14 24.87 -18.91 -49.15
C GLY C 14 23.73 -19.57 -48.39
N GLY C 15 22.52 -19.06 -48.63
CA GLY C 15 21.37 -19.63 -47.95
C GLY C 15 21.28 -19.20 -46.50
N SER C 16 20.36 -19.84 -45.79
CA SER C 16 20.02 -19.45 -44.43
C SER C 16 19.75 -20.71 -43.60
N ARG C 17 19.58 -20.49 -42.32
CA ARG C 17 19.34 -21.58 -41.39
C ARG C 17 18.62 -21.05 -40.16
N LYS C 18 17.98 -21.97 -39.40
CA LYS C 18 17.16 -21.60 -38.25
C LYS C 18 17.35 -22.64 -37.15
N LEU C 19 17.49 -22.18 -35.91
CA LEU C 19 17.71 -23.03 -34.76
C LEU C 19 16.65 -22.72 -33.69
N SER C 20 16.23 -23.77 -32.97
CA SER C 20 15.16 -23.64 -32.01
C SER C 20 15.54 -24.28 -30.68
N CYS C 21 14.96 -23.76 -29.60
CA CYS C 21 15.18 -24.28 -28.26
C CYS C 21 13.83 -24.38 -27.55
N SER C 22 13.58 -25.52 -26.92
CA SER C 22 12.33 -25.79 -26.21
C SER C 22 12.64 -26.14 -24.75
N ALA C 23 11.91 -25.50 -23.84
CA ALA C 23 12.15 -25.63 -22.41
C ALA C 23 11.08 -26.51 -21.78
N SER C 24 11.42 -27.11 -20.63
CA SER C 24 10.49 -27.96 -19.91
C SER C 24 10.89 -28.00 -18.44
N GLY C 25 9.93 -27.73 -17.57
CA GLY C 25 10.14 -27.93 -16.15
C GLY C 25 10.29 -26.68 -15.30
N PHE C 26 10.19 -25.49 -15.88
CA PHE C 26 10.38 -24.27 -15.11
C PHE C 26 9.59 -23.13 -15.74
N ALA C 27 9.69 -21.95 -15.13
CA ALA C 27 8.93 -20.77 -15.55
C ALA C 27 9.74 -19.97 -16.56
N PHE C 28 9.55 -20.32 -17.84
CA PHE C 28 10.31 -19.72 -18.91
C PHE C 28 10.04 -18.22 -19.03
N SER C 29 8.93 -17.76 -18.47
CA SER C 29 8.53 -16.36 -18.63
C SER C 29 9.16 -15.43 -17.61
N SER C 30 10.10 -15.92 -16.80
CA SER C 30 10.83 -15.07 -15.87
C SER C 30 12.34 -15.19 -16.00
N PHE C 31 12.85 -15.79 -17.07
CA PHE C 31 14.28 -16.02 -17.24
C PHE C 31 14.82 -15.29 -18.46
N GLY C 32 16.16 -15.17 -18.53
CA GLY C 32 16.82 -14.61 -19.68
C GLY C 32 17.68 -15.62 -20.40
N MET C 33 17.79 -15.45 -21.72
CA MET C 33 18.38 -16.47 -22.58
C MET C 33 19.64 -15.98 -23.27
N HIS C 34 20.63 -16.88 -23.35
CA HIS C 34 21.87 -16.63 -24.07
C HIS C 34 22.14 -17.75 -25.06
N TRP C 35 22.74 -17.40 -26.20
CA TRP C 35 23.23 -18.37 -27.17
C TRP C 35 24.75 -18.25 -27.27
N VAL C 36 25.43 -19.39 -27.14
CA VAL C 36 26.89 -19.48 -27.09
C VAL C 36 27.34 -20.46 -28.19
N ARG C 37 28.54 -20.24 -28.74
CA ARG C 37 29.07 -21.05 -29.81
C ARG C 37 30.37 -21.72 -29.40
N GLN C 38 30.80 -22.72 -30.17
CA GLN C 38 32.05 -23.41 -29.91
C GLN C 38 32.68 -23.89 -31.21
N ALA C 39 33.98 -23.64 -31.35
CA ALA C 39 34.72 -24.11 -32.51
C ALA C 39 34.96 -25.61 -32.39
N PRO C 40 35.25 -26.31 -33.50
CA PRO C 40 35.42 -27.77 -33.43
C PRO C 40 36.50 -28.23 -32.46
N GLU C 41 37.61 -27.50 -32.37
CA GLU C 41 38.73 -27.92 -31.53
C GLU C 41 39.24 -26.81 -30.61
N LYS C 42 38.43 -25.79 -30.34
CA LYS C 42 38.91 -24.61 -29.64
C LYS C 42 37.91 -24.14 -28.59
N GLY C 43 38.10 -22.92 -28.08
CA GLY C 43 37.33 -22.41 -26.98
C GLY C 43 35.94 -21.94 -27.39
N LEU C 44 35.30 -21.22 -26.48
CA LEU C 44 33.93 -20.79 -26.64
C LEU C 44 33.87 -19.30 -27.01
N GLU C 45 32.70 -18.87 -27.46
CA GLU C 45 32.47 -17.48 -27.84
C GLU C 45 30.98 -17.17 -27.73
N TRP C 46 30.66 -15.99 -27.22
CA TRP C 46 29.27 -15.60 -27.04
C TRP C 46 28.67 -15.16 -28.37
N VAL C 47 27.41 -15.53 -28.60
CA VAL C 47 26.71 -15.25 -29.85
C VAL C 47 25.65 -14.19 -29.67
N ALA C 48 24.72 -14.39 -28.74
CA ALA C 48 23.65 -13.39 -28.61
C ALA C 48 22.99 -13.48 -27.25
N TYR C 49 22.28 -12.39 -26.88
CA TYR C 49 21.58 -12.32 -25.61
C TYR C 49 20.23 -11.65 -25.76
N ILE C 50 19.20 -12.28 -25.17
CA ILE C 50 17.85 -11.72 -25.11
C ILE C 50 17.32 -11.83 -23.68
N SER C 51 16.45 -10.90 -23.30
CA SER C 51 16.00 -10.79 -21.93
C SER C 51 14.48 -10.92 -21.83
N SER C 52 14.02 -11.37 -20.67
CA SER C 52 12.59 -11.46 -20.40
C SER C 52 11.96 -10.07 -20.44
N GLY C 53 10.74 -10.01 -20.96
CA GLY C 53 10.11 -8.74 -21.23
C GLY C 53 10.42 -8.17 -22.59
N SER C 54 11.35 -8.78 -23.34
CA SER C 54 11.71 -8.35 -24.69
C SER C 54 12.13 -6.89 -24.73
N GLY C 55 12.86 -6.46 -23.72
CA GLY C 55 13.28 -5.06 -23.66
C GLY C 55 14.64 -4.81 -24.29
N THR C 56 15.59 -5.72 -24.09
CA THR C 56 16.95 -5.51 -24.55
C THR C 56 17.40 -6.69 -25.39
N ILE C 57 18.20 -6.40 -26.39
CA ILE C 57 18.83 -7.42 -27.23
C ILE C 57 20.26 -7.01 -27.51
N TYR C 58 21.20 -7.94 -27.33
CA TYR C 58 22.59 -7.67 -27.64
C TYR C 58 23.11 -8.74 -28.58
N TYR C 59 23.88 -8.31 -29.59
CA TYR C 59 24.41 -9.22 -30.59
C TYR C 59 25.93 -9.23 -30.53
N ALA C 60 26.53 -10.12 -31.31
CA ALA C 60 27.97 -10.23 -31.36
C ALA C 60 28.54 -9.31 -32.43
N ASP C 61 29.81 -8.98 -32.28
CA ASP C 61 30.44 -8.06 -33.21
C ASP C 61 30.83 -8.73 -34.52
N THR C 62 31.09 -10.04 -34.49
CA THR C 62 31.53 -10.75 -35.69
C THR C 62 30.38 -11.13 -36.61
N VAL C 63 29.15 -11.16 -36.12
CA VAL C 63 28.02 -11.67 -36.89
C VAL C 63 26.81 -10.75 -36.87
N LYS C 64 26.93 -9.52 -36.38
CA LYS C 64 25.79 -8.62 -36.31
C LYS C 64 25.21 -8.37 -37.70
N GLY C 65 23.89 -8.32 -37.78
CA GLY C 65 23.22 -7.99 -39.03
C GLY C 65 22.86 -9.18 -39.88
N ARG C 66 23.43 -10.34 -39.64
CA ARG C 66 23.01 -11.56 -40.30
C ARG C 66 22.11 -12.42 -39.44
N PHE C 67 22.14 -12.25 -38.11
CA PHE C 67 21.41 -13.10 -37.20
C PHE C 67 20.25 -12.33 -36.59
N THR C 68 19.24 -13.08 -36.15
CA THR C 68 18.10 -12.51 -35.44
C THR C 68 17.68 -13.44 -34.31
N ILE C 69 17.40 -12.87 -33.14
CA ILE C 69 17.02 -13.62 -31.96
C ILE C 69 15.58 -13.27 -31.59
N SER C 70 14.80 -14.27 -31.20
CA SER C 70 13.41 -14.02 -30.85
C SER C 70 12.92 -15.10 -29.89
N ARG C 71 11.80 -14.82 -29.23
CA ARG C 71 11.23 -15.74 -28.25
C ARG C 71 9.71 -15.75 -28.37
N ASP C 72 9.10 -16.80 -27.81
CA ASP C 72 7.64 -16.87 -27.67
C ASP C 72 7.32 -17.44 -26.30
N ASP C 73 6.75 -16.61 -25.42
CA ASP C 73 6.51 -17.03 -24.04
C ASP C 73 5.46 -18.14 -23.90
N PRO C 74 4.25 -18.06 -24.46
CA PRO C 74 3.24 -19.08 -24.16
C PRO C 74 3.64 -20.48 -24.57
N LYS C 75 4.41 -20.65 -25.63
CA LYS C 75 4.80 -21.97 -26.10
C LYS C 75 6.18 -22.39 -25.59
N ASN C 76 6.90 -21.48 -24.93
CA ASN C 76 8.24 -21.76 -24.40
C ASN C 76 9.19 -22.23 -25.50
N THR C 77 9.38 -21.39 -26.52
CA THR C 77 10.28 -21.71 -27.61
C THR C 77 11.07 -20.46 -28.02
N LEU C 78 12.37 -20.65 -28.23
CA LEU C 78 13.31 -19.59 -28.55
C LEU C 78 13.94 -19.85 -29.92
N PHE C 79 13.99 -18.81 -30.76
CA PHE C 79 14.43 -18.94 -32.14
C PHE C 79 15.67 -18.09 -32.40
N LEU C 80 16.60 -18.65 -33.20
CA LEU C 80 17.70 -17.90 -33.77
C LEU C 80 17.73 -18.15 -35.27
N GLN C 81 17.83 -17.09 -36.07
CA GLN C 81 17.81 -17.19 -37.52
C GLN C 81 19.09 -16.58 -38.10
N MET C 82 19.70 -17.29 -39.05
CA MET C 82 20.99 -16.89 -39.59
C MET C 82 20.94 -16.92 -41.11
N THR C 83 21.71 -16.03 -41.75
CA THR C 83 21.73 -15.89 -43.20
C THR C 83 23.15 -15.68 -43.70
N SER C 84 23.40 -16.12 -44.94
CA SER C 84 24.64 -15.90 -45.67
C SER C 84 25.85 -16.46 -44.93
N LEU C 85 25.87 -17.78 -44.80
CA LEU C 85 26.90 -18.45 -44.02
C LEU C 85 28.18 -18.63 -44.84
N ARG C 86 29.32 -18.53 -44.15
CA ARG C 86 30.63 -18.70 -44.73
C ARG C 86 31.35 -19.85 -44.04
N SER C 87 32.58 -20.11 -44.47
CA SER C 87 33.36 -21.21 -43.90
C SER C 87 33.81 -20.93 -42.48
N GLU C 88 33.66 -19.71 -42.00
CA GLU C 88 34.02 -19.38 -40.63
C GLU C 88 32.86 -19.59 -39.66
N ASP C 89 31.77 -20.20 -40.09
CA ASP C 89 30.61 -20.46 -39.26
C ASP C 89 30.39 -21.94 -38.99
N THR C 90 31.43 -22.77 -39.12
CA THR C 90 31.33 -24.17 -38.74
C THR C 90 31.53 -24.32 -37.24
N ALA C 91 30.50 -24.75 -36.52
CA ALA C 91 30.60 -24.69 -35.07
C ALA C 91 29.48 -25.53 -34.44
N MET C 92 29.55 -25.61 -33.12
CA MET C 92 28.60 -26.35 -32.30
C MET C 92 28.04 -25.41 -31.22
N TYR C 93 26.72 -25.35 -31.14
CA TYR C 93 26.04 -24.27 -30.42
C TYR C 93 25.43 -24.79 -29.12
N TYR C 94 25.22 -23.89 -28.17
CA TYR C 94 24.58 -24.20 -26.90
C TYR C 94 23.69 -23.04 -26.44
N CYS C 95 22.70 -23.38 -25.61
CA CYS C 95 21.79 -22.43 -25.00
C CYS C 95 22.05 -22.34 -23.51
N VAL C 96 21.77 -21.19 -22.91
CA VAL C 96 22.08 -20.97 -21.51
C VAL C 96 20.98 -20.13 -20.88
N ARG C 97 20.64 -20.49 -19.65
CA ARG C 97 19.65 -19.78 -18.85
C ARG C 97 20.36 -18.91 -17.83
N SER C 98 19.78 -17.75 -17.54
CA SER C 98 20.32 -16.91 -16.49
C SER C 98 19.22 -16.01 -15.97
N ILE C 99 19.22 -15.77 -14.66
CA ILE C 99 18.23 -14.90 -14.02
C ILE C 99 18.96 -13.88 -13.16
N TYR C 100 18.49 -12.63 -13.20
CA TYR C 100 19.12 -11.55 -12.48
C TYR C 100 18.13 -10.88 -11.53
N TYR C 101 18.35 -11.07 -10.24
CA TYR C 101 17.78 -10.26 -9.18
C TYR C 101 18.77 -10.33 -8.04
N TYR C 102 18.41 -9.75 -6.90
CA TYR C 102 19.37 -9.72 -5.80
C TYR C 102 19.65 -11.12 -5.29
N GLY C 103 20.88 -11.59 -5.48
CA GLY C 103 21.31 -12.86 -4.93
C GLY C 103 21.22 -14.05 -5.87
N SER C 104 20.97 -13.82 -7.15
CA SER C 104 20.79 -14.92 -8.08
C SER C 104 22.14 -15.48 -8.53
N SER C 105 22.07 -16.62 -9.23
CA SER C 105 23.24 -17.32 -9.75
C SER C 105 23.05 -17.52 -11.25
N PRO C 106 23.49 -16.56 -12.06
CA PRO C 106 23.34 -16.71 -13.51
C PRO C 106 24.21 -17.82 -14.07
N PHE C 107 23.80 -18.32 -15.23
CA PHE C 107 24.47 -19.40 -15.94
C PHE C 107 24.46 -20.71 -15.15
N ASP C 108 23.27 -21.18 -14.77
CA ASP C 108 23.17 -22.35 -13.92
C ASP C 108 22.92 -23.63 -14.72
N PHE C 109 22.00 -23.60 -15.69
CA PHE C 109 21.65 -24.79 -16.43
C PHE C 109 22.02 -24.60 -17.89
N TRP C 110 22.79 -25.54 -18.43
CA TRP C 110 23.21 -25.55 -19.83
C TRP C 110 22.52 -26.70 -20.54
N GLY C 111 22.17 -26.48 -21.80
CA GLY C 111 21.52 -27.48 -22.60
C GLY C 111 22.55 -28.46 -23.14
N GLN C 112 22.25 -28.99 -24.33
CA GLN C 112 23.04 -30.05 -24.94
C GLN C 112 23.63 -29.68 -26.30
N GLY C 113 23.20 -28.58 -26.90
CA GLY C 113 23.82 -28.04 -28.10
C GLY C 113 23.51 -28.86 -29.34
N THR C 114 23.98 -28.34 -30.47
CA THR C 114 23.79 -28.99 -31.76
C THR C 114 24.97 -28.64 -32.67
N THR C 115 25.03 -29.29 -33.83
CA THR C 115 26.15 -29.17 -34.74
C THR C 115 25.72 -28.50 -36.05
N LEU C 116 26.56 -27.61 -36.56
CA LEU C 116 26.33 -26.95 -37.84
C LEU C 116 27.64 -26.90 -38.61
N THR C 117 27.59 -27.39 -39.85
CA THR C 117 28.77 -27.52 -40.69
C THR C 117 28.57 -26.77 -41.99
N VAL C 118 29.60 -26.05 -42.44
CA VAL C 118 29.63 -25.37 -43.72
C VAL C 118 30.81 -25.91 -44.50
N SER C 119 30.57 -26.30 -45.75
CA SER C 119 31.63 -26.85 -46.59
C SER C 119 32.70 -25.81 -46.89
N SER C 135 38.21 -2.08 -29.85
CA SER C 135 39.40 -2.50 -29.12
C SER C 135 39.19 -2.41 -27.62
N ALA C 136 37.95 -2.16 -27.22
CA ALA C 136 37.58 -2.07 -25.82
C ALA C 136 37.26 -3.42 -25.18
N ASP C 137 37.29 -4.50 -25.97
CA ASP C 137 37.03 -5.82 -25.42
C ASP C 137 38.16 -6.26 -24.50
N ILE C 138 37.81 -6.97 -23.45
CA ILE C 138 38.77 -7.50 -22.48
C ILE C 138 39.22 -8.87 -22.95
N VAL C 139 40.53 -9.07 -23.00
CA VAL C 139 41.13 -10.30 -23.53
C VAL C 139 41.67 -11.12 -22.37
N MET C 140 41.25 -12.38 -22.29
CA MET C 140 41.79 -13.31 -21.30
C MET C 140 42.83 -14.23 -21.94
N THR C 141 43.80 -14.65 -21.13
CA THR C 141 44.82 -15.60 -21.55
C THR C 141 44.91 -16.72 -20.52
N GLN C 142 44.87 -17.96 -21.01
CA GLN C 142 44.97 -19.12 -20.14
C GLN C 142 46.43 -19.46 -19.89
N ALA C 143 46.73 -19.77 -18.62
CA ALA C 143 48.12 -19.92 -18.20
C ALA C 143 48.81 -21.05 -18.96
N THR C 144 48.13 -22.17 -19.13
CA THR C 144 48.77 -23.34 -19.74
C THR C 144 47.69 -24.23 -20.33
N SER C 145 48.13 -25.15 -21.20
CA SER C 145 47.20 -26.04 -21.89
C SER C 145 47.08 -27.40 -21.23
N SER C 146 48.11 -27.88 -20.55
CA SER C 146 48.07 -29.21 -19.98
C SER C 146 48.93 -29.25 -18.72
N VAL C 147 48.39 -29.88 -17.68
CA VAL C 147 49.09 -30.04 -16.41
C VAL C 147 48.91 -31.48 -15.91
N PRO C 148 49.94 -32.30 -15.90
CA PRO C 148 49.79 -33.66 -15.36
C PRO C 148 49.66 -33.64 -13.83
N VAL C 149 48.66 -34.38 -13.33
CA VAL C 149 48.41 -34.49 -11.91
C VAL C 149 48.09 -35.96 -11.59
N THR C 150 48.02 -36.24 -10.30
CA THR C 150 47.73 -37.58 -9.79
C THR C 150 46.59 -37.52 -8.79
N PRO C 151 45.82 -38.60 -8.65
CA PRO C 151 44.79 -38.64 -7.61
C PRO C 151 45.40 -38.48 -6.23
N GLY C 152 44.70 -37.75 -5.37
CA GLY C 152 45.15 -37.48 -4.02
C GLY C 152 45.81 -36.14 -3.83
N GLU C 153 46.26 -35.48 -4.90
CA GLU C 153 46.90 -34.18 -4.79
C GLU C 153 45.87 -33.06 -4.90
N SER C 154 46.36 -31.83 -4.74
CA SER C 154 45.54 -30.65 -4.94
C SER C 154 46.03 -29.88 -6.17
N VAL C 155 45.13 -29.10 -6.76
CA VAL C 155 45.44 -28.41 -8.00
C VAL C 155 44.88 -26.99 -7.95
N SER C 156 45.61 -26.06 -8.56
CA SER C 156 45.17 -24.68 -8.74
C SER C 156 45.34 -24.30 -10.21
N ILE C 157 44.28 -23.78 -10.81
CA ILE C 157 44.27 -23.42 -12.22
C ILE C 157 43.95 -21.94 -12.35
N SER C 158 44.81 -21.19 -13.03
CA SER C 158 44.72 -19.74 -13.01
C SER C 158 44.67 -19.17 -14.43
N CYS C 159 44.00 -18.02 -14.54
CA CYS C 159 43.94 -17.28 -15.79
C CYS C 159 44.08 -15.79 -15.50
N ARG C 160 44.35 -15.01 -16.55
CA ARG C 160 44.69 -13.61 -16.45
C ARG C 160 43.68 -12.75 -17.21
N SER C 161 43.63 -11.47 -16.87
CA SER C 161 42.71 -10.50 -17.47
C SER C 161 43.45 -9.21 -17.78
N SER C 162 42.78 -8.31 -18.49
CA SER C 162 43.40 -7.07 -18.92
C SER C 162 42.89 -5.83 -18.19
N LYS C 163 41.82 -5.95 -17.39
CA LYS C 163 41.27 -4.81 -16.68
C LYS C 163 40.70 -5.28 -15.35
N SER C 164 40.48 -4.34 -14.44
CA SER C 164 39.92 -4.66 -13.15
C SER C 164 38.48 -5.15 -13.28
N LEU C 165 38.18 -6.26 -12.62
CA LEU C 165 36.85 -6.87 -12.65
C LEU C 165 36.03 -6.55 -11.41
N LEU C 166 36.49 -5.65 -10.55
CA LEU C 166 35.78 -5.28 -9.34
C LEU C 166 35.03 -3.97 -9.60
N HIS C 167 33.70 -4.06 -9.63
CA HIS C 167 32.85 -2.90 -9.81
C HIS C 167 32.71 -2.17 -8.47
N SER C 168 32.12 -0.98 -8.50
CA SER C 168 32.14 -0.10 -7.33
C SER C 168 31.31 -0.62 -6.16
N ASN C 169 30.44 -1.60 -6.39
CA ASN C 169 29.48 -2.01 -5.37
C ASN C 169 29.86 -3.31 -4.65
N GLY C 170 31.14 -3.68 -4.67
CA GLY C 170 31.62 -4.83 -3.93
C GLY C 170 31.68 -6.13 -4.71
N ASN C 171 31.21 -6.14 -5.94
CA ASN C 171 31.10 -7.38 -6.71
C ASN C 171 32.42 -7.73 -7.38
N THR C 172 32.47 -8.95 -7.93
CA THR C 172 33.52 -9.40 -8.81
C THR C 172 32.93 -10.34 -9.83
N TYR C 173 33.29 -10.16 -11.11
CA TYR C 173 32.64 -10.86 -12.22
C TYR C 173 33.66 -11.72 -12.96
N LEU C 174 33.85 -12.94 -12.48
CA LEU C 174 34.51 -14.00 -13.24
C LEU C 174 33.80 -15.30 -12.93
N TYR C 175 33.60 -16.12 -13.95
CA TYR C 175 32.82 -17.35 -13.82
C TYR C 175 33.68 -18.55 -14.18
N TRP C 176 33.60 -19.60 -13.35
CA TRP C 176 34.31 -20.85 -13.59
C TRP C 176 33.32 -21.94 -13.99
N PHE C 177 33.54 -22.50 -15.18
CA PHE C 177 32.80 -23.65 -15.71
C PHE C 177 33.76 -24.81 -15.94
N LEU C 178 33.20 -26.03 -16.00
CA LEU C 178 33.94 -27.24 -16.29
C LEU C 178 33.26 -28.01 -17.42
N GLN C 179 34.06 -28.63 -18.29
CA GLN C 179 33.56 -29.44 -19.38
C GLN C 179 34.21 -30.81 -19.28
N ARG C 180 33.47 -31.78 -18.74
CA ARG C 180 33.92 -33.16 -18.69
C ARG C 180 33.91 -33.76 -20.09
N PRO C 181 34.63 -34.87 -20.30
CA PRO C 181 34.69 -35.46 -21.64
C PRO C 181 33.32 -35.85 -22.18
N GLY C 182 32.95 -35.23 -23.31
CA GLY C 182 31.73 -35.56 -24.01
C GLY C 182 30.44 -35.02 -23.42
N GLN C 183 30.51 -34.01 -22.55
CA GLN C 183 29.32 -33.49 -21.89
C GLN C 183 29.22 -31.98 -22.05
N SER C 184 28.08 -31.44 -21.61
CA SER C 184 27.84 -30.02 -21.63
C SER C 184 28.47 -29.36 -20.41
N PRO C 185 28.75 -28.06 -20.46
CA PRO C 185 29.39 -27.38 -19.33
C PRO C 185 28.50 -27.36 -18.10
N GLN C 186 29.14 -27.34 -16.94
CA GLN C 186 28.45 -27.24 -15.66
C GLN C 186 29.09 -26.12 -14.84
N LEU C 187 28.28 -25.36 -14.13
CA LEU C 187 28.78 -24.24 -13.35
C LEU C 187 29.56 -24.74 -12.14
N LEU C 188 30.76 -24.20 -11.95
CA LEU C 188 31.55 -24.44 -10.76
C LEU C 188 31.49 -23.27 -9.80
N ILE C 189 31.72 -22.04 -10.29
CA ILE C 189 31.76 -20.87 -9.41
C ILE C 189 31.16 -19.67 -10.13
N TYR C 190 30.24 -18.98 -9.44
CA TYR C 190 29.62 -17.75 -9.94
C TYR C 190 30.02 -16.58 -9.06
N ARG C 191 30.32 -15.45 -9.71
CA ARG C 191 30.77 -14.23 -9.06
C ARG C 191 32.05 -14.44 -8.25
N MET C 192 32.91 -15.32 -8.77
CA MET C 192 34.32 -15.45 -8.36
C MET C 192 34.57 -16.10 -7.01
N SER C 193 33.57 -16.19 -6.14
CA SER C 193 33.84 -16.76 -4.82
C SER C 193 32.75 -17.69 -4.31
N ASN C 194 31.67 -17.88 -5.06
CA ASN C 194 30.54 -18.63 -4.54
C ASN C 194 30.53 -20.05 -5.11
N LEU C 195 29.59 -20.86 -4.63
CA LEU C 195 29.48 -22.26 -5.01
C LEU C 195 28.05 -22.56 -5.42
N ALA C 196 27.88 -23.20 -6.57
CA ALA C 196 26.55 -23.47 -7.09
C ALA C 196 25.97 -24.73 -6.45
N SER C 197 24.66 -24.92 -6.64
CA SER C 197 23.97 -26.05 -6.05
C SER C 197 24.33 -27.34 -6.78
N GLY C 198 24.30 -28.45 -6.04
CA GLY C 198 24.58 -29.74 -6.63
C GLY C 198 26.03 -30.02 -6.92
N VAL C 199 26.95 -29.40 -6.20
CA VAL C 199 28.38 -29.53 -6.46
C VAL C 199 29.09 -29.95 -5.19
N PRO C 200 30.09 -30.83 -5.25
CA PRO C 200 30.83 -31.19 -4.05
C PRO C 200 31.49 -29.97 -3.39
N ASP C 201 31.59 -30.04 -2.07
CA ASP C 201 32.05 -28.90 -1.26
C ASP C 201 33.57 -28.79 -1.19
N ARG C 202 34.30 -29.40 -2.11
CA ARG C 202 35.76 -29.40 -2.10
C ARG C 202 36.37 -28.44 -3.12
N PHE C 203 35.57 -27.55 -3.71
CA PHE C 203 36.05 -26.59 -4.69
C PHE C 203 36.13 -25.20 -4.03
N SER C 204 36.95 -24.33 -4.59
CA SER C 204 37.05 -22.97 -4.08
C SER C 204 37.64 -22.08 -5.17
N GLY C 205 37.57 -20.77 -4.94
CA GLY C 205 38.10 -19.83 -5.91
C GLY C 205 38.57 -18.56 -5.24
N SER C 206 39.69 -18.03 -5.74
CA SER C 206 40.28 -16.84 -5.16
C SER C 206 41.31 -16.29 -6.13
N GLY C 207 41.74 -15.06 -5.88
CA GLY C 207 42.77 -14.48 -6.72
C GLY C 207 42.91 -13.00 -6.44
N SER C 208 43.94 -12.42 -7.05
CA SER C 208 44.22 -11.01 -6.92
C SER C 208 43.67 -10.27 -8.14
N GLY C 209 43.71 -8.94 -8.07
CA GLY C 209 43.13 -8.16 -9.15
C GLY C 209 43.71 -8.54 -10.50
N THR C 210 42.82 -8.90 -11.42
CA THR C 210 43.07 -9.27 -12.81
C THR C 210 43.75 -10.63 -12.96
N ALA C 211 44.01 -11.35 -11.88
CA ALA C 211 44.65 -12.67 -11.94
C ALA C 211 43.94 -13.62 -11.00
N PHE C 212 43.25 -14.62 -11.55
CA PHE C 212 42.30 -15.41 -10.78
C PHE C 212 42.66 -16.89 -10.85
N THR C 213 42.21 -17.67 -9.86
CA THR C 213 42.58 -19.08 -9.74
C THR C 213 41.49 -19.89 -9.05
N LEU C 214 41.19 -21.06 -9.61
CA LEU C 214 40.29 -22.03 -9.03
C LEU C 214 41.10 -23.14 -8.35
N THR C 215 40.67 -23.53 -7.15
CA THR C 215 41.37 -24.51 -6.34
C THR C 215 40.49 -25.74 -6.15
N ILE C 216 41.06 -26.92 -6.43
CA ILE C 216 40.39 -28.19 -6.22
C ILE C 216 41.25 -29.03 -5.27
N SER C 217 40.64 -29.57 -4.23
CA SER C 217 41.32 -30.44 -3.29
C SER C 217 40.82 -31.87 -3.42
N ARG C 218 41.70 -32.82 -3.11
CA ARG C 218 41.38 -34.25 -3.12
C ARG C 218 40.91 -34.70 -4.51
N LEU C 219 41.83 -34.60 -5.47
CA LEU C 219 41.53 -35.01 -6.83
C LEU C 219 41.07 -36.47 -6.86
N GLU C 220 39.94 -36.71 -7.53
CA GLU C 220 39.35 -38.03 -7.60
C GLU C 220 38.93 -38.30 -9.04
N ALA C 221 38.30 -39.46 -9.24
CA ALA C 221 37.83 -39.84 -10.57
C ALA C 221 36.66 -38.96 -10.98
N GLU C 222 36.44 -38.89 -12.29
CA GLU C 222 35.36 -38.09 -12.88
C GLU C 222 35.48 -36.62 -12.49
N ASP C 223 36.71 -36.19 -12.20
CA ASP C 223 37.00 -34.80 -11.88
C ASP C 223 37.94 -34.18 -12.91
N VAL C 224 37.92 -34.71 -14.14
CA VAL C 224 38.81 -34.27 -15.21
C VAL C 224 37.97 -33.66 -16.31
N GLY C 225 38.64 -33.00 -17.24
CA GLY C 225 37.97 -32.29 -18.31
C GLY C 225 38.80 -31.08 -18.72
N VAL C 226 38.10 -30.03 -19.12
CA VAL C 226 38.73 -28.75 -19.44
C VAL C 226 37.98 -27.65 -18.71
N TYR C 227 38.71 -26.72 -18.10
CA TYR C 227 38.13 -25.70 -17.25
C TYR C 227 38.14 -24.36 -17.97
N TYR C 228 37.10 -23.55 -17.77
CA TYR C 228 37.00 -22.26 -18.43
C TYR C 228 36.65 -21.14 -17.46
N CYS C 229 37.21 -19.96 -17.75
CA CYS C 229 36.95 -18.73 -17.01
C CYS C 229 36.40 -17.67 -17.96
N MET C 230 35.27 -17.08 -17.57
CA MET C 230 34.49 -16.17 -18.40
C MET C 230 34.25 -14.86 -17.66
N GLN C 231 34.04 -13.77 -18.40
CA GLN C 231 33.77 -12.47 -17.80
C GLN C 231 32.42 -11.92 -18.25
N HIS C 232 31.79 -11.15 -17.35
CA HIS C 232 30.45 -10.61 -17.59
C HIS C 232 30.32 -9.18 -17.04
N LEU C 233 31.34 -8.35 -17.25
CA LEU C 233 31.32 -7.01 -16.67
C LEU C 233 30.55 -6.06 -17.57
N GLU C 234 30.83 -6.15 -18.87
CA GLU C 234 30.25 -5.25 -19.91
C GLU C 234 30.31 -5.97 -21.27
N TYR C 235 29.17 -6.03 -21.98
CA TYR C 235 29.10 -6.72 -23.30
C TYR C 235 30.25 -6.16 -24.14
N PRO C 236 30.87 -7.01 -24.96
CA PRO C 236 30.52 -8.43 -25.08
C PRO C 236 31.16 -9.34 -24.03
N LEU C 237 30.72 -10.59 -24.03
CA LEU C 237 31.33 -11.63 -23.21
C LEU C 237 32.51 -12.22 -23.96
N THR C 238 33.58 -12.53 -23.23
CA THR C 238 34.80 -13.04 -23.84
C THR C 238 35.35 -14.20 -23.02
N PHE C 239 35.80 -15.23 -23.73
CA PHE C 239 36.28 -16.47 -23.15
C PHE C 239 37.80 -16.54 -23.21
N GLY C 240 38.35 -17.60 -22.65
CA GLY C 240 39.75 -17.93 -22.80
C GLY C 240 39.93 -19.22 -23.56
N ALA C 241 41.21 -19.61 -23.70
CA ALA C 241 41.55 -20.75 -24.53
C ALA C 241 41.08 -22.07 -23.92
N GLY C 242 41.13 -22.19 -22.61
CA GLY C 242 40.82 -23.43 -21.93
C GLY C 242 42.06 -24.15 -21.46
N THR C 243 41.94 -24.88 -20.35
CA THR C 243 43.04 -25.63 -19.76
C THR C 243 42.63 -27.08 -19.60
N LYS C 244 43.42 -27.98 -20.17
CA LYS C 244 43.12 -29.41 -20.12
C LYS C 244 43.92 -30.07 -19.01
N LEU C 245 43.28 -31.00 -18.31
CA LEU C 245 43.88 -31.66 -17.15
C LEU C 245 44.10 -33.14 -17.45
N GLU C 246 45.25 -33.66 -17.06
CA GLU C 246 45.60 -35.06 -17.24
C GLU C 246 45.86 -35.66 -15.86
N LEU C 247 45.11 -36.70 -15.52
CA LEU C 247 45.23 -37.33 -14.20
C LEU C 247 46.13 -38.54 -14.25
N THR D 6 -16.78 -31.82 40.99
CA THR D 6 -15.88 -30.97 41.76
C THR D 6 -14.95 -30.19 40.83
N ALA D 7 -15.52 -29.59 39.79
CA ALA D 7 -14.71 -28.80 38.86
C ALA D 7 -14.10 -27.58 39.56
N SER D 8 -14.87 -26.94 40.43
CA SER D 8 -14.37 -25.79 41.17
C SER D 8 -13.20 -26.15 42.08
N ILE D 9 -13.26 -27.31 42.74
CA ILE D 9 -12.16 -27.76 43.58
C ILE D 9 -10.89 -27.97 42.75
N ALA D 10 -11.03 -28.61 41.59
CA ALA D 10 -9.89 -28.83 40.72
C ALA D 10 -9.31 -27.50 40.23
N GLN D 11 -10.17 -26.56 39.85
CA GLN D 11 -9.69 -25.25 39.40
C GLN D 11 -8.95 -24.52 40.52
N ALA D 12 -9.51 -24.56 41.73
CA ALA D 12 -8.84 -23.91 42.86
C ALA D 12 -7.50 -24.57 43.16
N ARG D 13 -7.44 -25.91 43.08
CA ARG D 13 -6.17 -26.59 43.31
C ARG D 13 -5.15 -26.21 42.24
N LYS D 14 -5.58 -26.11 40.98
CA LYS D 14 -4.67 -25.70 39.92
C LYS D 14 -4.15 -24.28 40.15
N LEU D 15 -5.04 -23.37 40.56
CA LEU D 15 -4.61 -22.01 40.85
C LEU D 15 -3.63 -21.98 42.02
N VAL D 16 -3.89 -22.79 43.05
CA VAL D 16 -2.99 -22.86 44.20
C VAL D 16 -1.62 -23.38 43.77
N GLU D 17 -1.60 -24.42 42.92
CA GLU D 17 -0.33 -24.96 42.44
C GLU D 17 0.43 -23.92 41.62
N GLN D 18 -0.27 -23.20 40.74
CA GLN D 18 0.39 -22.17 39.96
C GLN D 18 0.98 -21.09 40.84
N LEU D 19 0.21 -20.64 41.85
CA LEU D 19 0.72 -19.61 42.75
C LEU D 19 1.90 -20.11 43.57
N LYS D 20 1.85 -21.37 44.03
CA LYS D 20 2.95 -21.93 44.79
C LYS D 20 4.22 -21.99 43.95
N MET D 21 4.09 -22.42 42.68
CA MET D 21 5.25 -22.41 41.80
C MET D 21 5.77 -21.00 41.58
N GLU D 22 4.87 -20.03 41.42
CA GLU D 22 5.28 -18.65 41.21
C GLU D 22 5.83 -17.99 42.47
N ALA D 23 5.65 -18.60 43.64
CA ALA D 23 6.11 -17.98 44.88
C ALA D 23 7.60 -18.18 45.13
N ASN D 24 8.08 -19.43 45.14
CA ASN D 24 9.47 -19.74 45.51
C ASN D 24 10.37 -19.57 44.29
N ILE D 25 10.65 -18.30 43.97
CA ILE D 25 11.55 -17.95 42.88
C ILE D 25 12.61 -17.02 43.43
N ASP D 26 13.86 -17.29 43.09
CA ASP D 26 14.97 -16.45 43.55
C ASP D 26 14.76 -15.02 43.09
N ARG D 27 14.97 -14.08 44.00
CA ARG D 27 14.74 -12.66 43.75
C ARG D 27 15.96 -11.85 44.14
N ILE D 28 16.08 -10.67 43.53
CA ILE D 28 17.16 -9.73 43.81
C ILE D 28 16.58 -8.32 43.89
N LYS D 29 17.44 -7.37 44.24
CA LYS D 29 17.03 -5.97 44.40
C LYS D 29 16.90 -5.25 43.07
N VAL D 30 16.17 -4.13 43.10
CA VAL D 30 15.95 -3.33 41.91
C VAL D 30 17.23 -2.63 41.47
N SER D 31 18.04 -2.19 42.44
CA SER D 31 19.26 -1.46 42.12
C SER D 31 20.18 -2.27 41.23
N LYS D 32 20.31 -3.57 41.49
CA LYS D 32 21.14 -4.41 40.64
C LYS D 32 20.62 -4.47 39.21
N ALA D 33 19.30 -4.59 39.04
CA ALA D 33 18.73 -4.63 37.70
C ALA D 33 18.97 -3.33 36.94
N ALA D 34 18.76 -2.19 37.61
CA ALA D 34 19.02 -0.90 36.97
C ALA D 34 20.49 -0.76 36.60
N ALA D 35 21.38 -1.21 37.50
CA ALA D 35 22.81 -1.13 37.20
C ALA D 35 23.17 -1.98 35.99
N ASP D 36 22.61 -3.19 35.91
CA ASP D 36 22.87 -4.05 34.76
C ASP D 36 22.37 -3.41 33.47
N LEU D 37 21.17 -2.82 33.51
CA LEU D 37 20.64 -2.17 32.31
C LEU D 37 21.56 -1.04 31.85
N MET D 38 21.94 -0.14 32.75
CA MET D 38 22.72 1.00 32.29
C MET D 38 24.13 0.57 31.87
N ALA D 39 24.68 -0.46 32.53
CA ALA D 39 25.97 -0.97 32.12
C ALA D 39 25.92 -1.53 30.71
N TYR D 40 24.86 -2.30 30.39
CA TYR D 40 24.74 -2.82 29.04
C TYR D 40 24.60 -1.70 28.03
N CYS D 41 23.83 -0.67 28.36
CA CYS D 41 23.68 0.46 27.44
C CYS D 41 25.01 1.14 27.17
N GLU D 42 25.74 1.49 28.24
CA GLU D 42 26.98 2.25 28.09
C GLU D 42 28.06 1.41 27.44
N ALA D 43 27.99 0.09 27.56
CA ALA D 43 29.02 -0.76 26.97
C ALA D 43 29.02 -0.67 25.46
N HIS D 44 27.84 -0.61 24.84
CA HIS D 44 27.73 -0.57 23.37
C HIS D 44 27.28 0.80 22.87
N ALA D 45 27.27 1.82 23.74
CA ALA D 45 26.89 3.15 23.31
C ALA D 45 27.76 3.67 22.18
N LYS D 46 28.98 3.15 22.04
CA LYS D 46 29.89 3.68 21.03
C LYS D 46 29.62 3.13 19.64
N GLU D 47 28.80 2.09 19.50
CA GLU D 47 28.58 1.46 18.20
C GLU D 47 27.16 1.55 17.70
N ASP D 48 26.32 2.44 18.25
CA ASP D 48 24.93 2.55 17.81
C ASP D 48 24.83 3.65 16.77
N PRO D 49 24.57 3.31 15.50
CA PRO D 49 24.53 4.36 14.45
C PRO D 49 23.43 5.39 14.61
N LEU D 50 22.26 5.02 15.13
CA LEU D 50 21.18 5.99 15.31
C LEU D 50 21.49 6.99 16.42
N LEU D 51 22.01 6.55 17.55
CA LEU D 51 22.37 7.41 18.67
C LEU D 51 23.63 8.21 18.41
N THR D 52 24.62 7.62 17.73
CA THR D 52 25.83 8.32 17.34
C THR D 52 26.01 8.20 15.83
N PRO D 53 26.01 9.31 15.08
CA PRO D 53 26.05 9.21 13.62
C PRO D 53 27.39 8.71 13.11
N VAL D 54 27.39 8.30 11.85
CA VAL D 54 28.57 7.76 11.18
C VAL D 54 28.99 8.75 10.11
N PRO D 55 30.23 8.67 9.64
CA PRO D 55 30.65 9.51 8.51
C PRO D 55 29.79 9.24 7.29
N ALA D 56 29.59 10.28 6.48
CA ALA D 56 28.66 10.19 5.36
C ALA D 56 29.14 9.21 4.30
N SER D 57 30.45 8.99 4.21
CA SER D 57 31.00 8.17 3.13
C SER D 57 30.58 6.71 3.22
N GLU D 58 30.52 6.14 4.42
CA GLU D 58 30.28 4.71 4.59
C GLU D 58 28.80 4.38 4.75
N ASN D 59 27.90 5.36 4.63
CA ASN D 59 26.49 5.13 4.94
C ASN D 59 25.79 4.60 3.70
N PRO D 60 25.17 3.41 3.77
CA PRO D 60 24.45 2.88 2.59
C PRO D 60 23.30 3.74 2.14
N PHE D 61 22.62 4.43 3.04
CA PHE D 61 21.43 5.20 2.70
C PHE D 61 21.72 6.68 2.46
N ARG D 62 22.98 7.08 2.50
CA ARG D 62 23.34 8.48 2.26
C ARG D 62 23.43 8.78 0.79
N SER E 2 -14.12 50.93 -24.43
CA SER E 2 -12.72 50.79 -23.96
C SER E 2 -12.69 50.13 -22.58
N SER E 3 -13.85 49.63 -22.13
CA SER E 3 -13.95 48.96 -20.81
C SER E 3 -13.81 47.44 -20.96
N PHE E 4 -14.28 46.68 -19.97
CA PHE E 4 -14.20 45.19 -20.00
C PHE E 4 -15.48 44.63 -20.64
N ALA E 5 -16.41 45.52 -20.99
CA ALA E 5 -17.70 45.10 -21.61
C ALA E 5 -17.59 45.18 -23.14
N ILE E 6 -16.40 45.52 -23.65
CA ILE E 6 -16.17 45.62 -25.11
C ILE E 6 -15.93 44.22 -25.69
N LEU E 7 -15.58 43.27 -24.83
CA LEU E 7 -15.33 41.86 -25.26
C LEU E 7 -16.62 41.27 -25.82
N MET E 8 -17.76 41.59 -25.19
CA MET E 8 -19.09 41.08 -25.65
C MET E 8 -19.91 42.25 -26.20
N ALA E 9 -19.24 43.35 -26.56
CA ALA E 9 -19.92 44.55 -27.10
C ALA E 9 -20.29 44.30 -28.58
N HIS E 10 -21.24 45.08 -29.09
CA HIS E 10 -21.69 44.92 -30.51
C HIS E 10 -22.13 46.27 -31.07
N TYR E 11 -21.57 47.37 -30.55
CA TYR E 11 -21.95 48.73 -31.03
C TYR E 11 -20.88 49.75 -30.63
N ASP E 12 -19.66 49.29 -30.38
CA ASP E 12 -18.55 50.17 -30.00
C ASP E 12 -18.95 51.11 -28.87
N VAL E 13 -19.32 50.53 -27.72
CA VAL E 13 -19.78 51.33 -26.60
C VAL E 13 -18.62 52.11 -26.03
N GLU E 14 -18.87 53.35 -25.63
CA GLU E 14 -17.86 54.20 -25.02
C GLU E 14 -18.48 55.03 -23.92
N ASP E 15 -17.86 54.98 -22.74
CA ASP E 15 -18.27 55.75 -21.58
C ASP E 15 -17.22 55.58 -20.51
N TRP E 16 -17.00 56.63 -19.72
CA TRP E 16 -15.92 56.64 -18.75
C TRP E 16 -16.27 55.89 -17.47
N LYS E 17 -17.54 55.92 -17.05
CA LYS E 17 -17.94 55.18 -15.86
C LYS E 17 -17.67 53.70 -16.02
N LEU E 18 -17.99 53.15 -17.20
CA LEU E 18 -17.70 51.75 -17.47
C LEU E 18 -16.20 51.47 -17.38
N THR E 19 -15.38 52.38 -17.88
CA THR E 19 -13.93 52.19 -17.80
C THR E 19 -13.45 52.14 -16.36
N LEU E 20 -13.95 53.04 -15.52
CA LEU E 20 -13.54 53.02 -14.10
C LEU E 20 -13.98 51.73 -13.42
N ILE E 21 -15.22 51.30 -13.63
CA ILE E 21 -15.67 50.03 -13.07
C ILE E 21 -14.76 48.90 -13.53
N THR E 22 -14.43 48.88 -14.82
CA THR E 22 -13.61 47.80 -15.36
C THR E 22 -12.23 47.77 -14.71
N ARG E 23 -11.61 48.93 -14.56
CA ARG E 23 -10.28 48.98 -13.95
C ARG E 23 -10.32 48.44 -12.53
N VAL E 24 -11.24 48.94 -11.70
CA VAL E 24 -11.27 48.50 -10.31
C VAL E 24 -11.55 47.00 -10.21
N GLY E 25 -12.55 46.53 -10.97
CA GLY E 25 -12.91 45.13 -10.91
C GLY E 25 -11.78 44.22 -11.33
N LEU E 26 -11.09 44.56 -12.41
CA LEU E 26 -10.01 43.70 -12.87
C LEU E 26 -8.84 43.71 -11.91
N ALA E 27 -8.58 44.85 -11.24
CA ALA E 27 -7.51 44.86 -10.26
C ALA E 27 -7.80 43.90 -9.11
N LEU E 28 -9.00 44.01 -8.53
CA LEU E 28 -9.35 43.08 -7.44
C LEU E 28 -9.34 41.64 -7.92
N SER E 29 -9.84 41.39 -9.14
CA SER E 29 -9.88 40.04 -9.66
C SER E 29 -8.48 39.45 -9.81
N LEU E 30 -7.53 40.23 -10.33
CA LEU E 30 -6.18 39.73 -10.50
C LEU E 30 -5.54 39.39 -9.16
N PHE E 31 -5.70 40.27 -8.17
CA PHE E 31 -5.12 39.98 -6.86
C PHE E 31 -5.68 38.68 -6.29
N CYS E 32 -7.01 38.57 -6.27
CA CYS E 32 -7.64 37.39 -5.70
C CYS E 32 -7.24 36.12 -6.45
N LEU E 33 -7.16 36.19 -7.79
CA LEU E 33 -6.85 35.00 -8.57
C LEU E 33 -5.43 34.52 -8.32
N LEU E 34 -4.46 35.44 -8.26
CA LEU E 34 -3.10 35.02 -7.95
C LEU E 34 -3.05 34.32 -6.61
N LEU E 35 -3.70 34.88 -5.59
CA LEU E 35 -3.58 34.26 -4.28
C LEU E 35 -4.38 32.96 -4.23
N CYS E 36 -5.41 32.84 -5.07
CA CYS E 36 -6.10 31.56 -5.26
C CYS E 36 -5.15 30.49 -5.76
N ILE E 37 -4.36 30.81 -6.78
CA ILE E 37 -3.47 29.81 -7.35
C ILE E 37 -2.45 29.37 -6.31
N LEU E 38 -1.91 30.33 -5.56
CA LEU E 38 -1.00 29.96 -4.47
C LEU E 38 -1.66 29.01 -3.49
N THR E 39 -2.85 29.35 -2.99
CA THR E 39 -3.49 28.53 -1.98
C THR E 39 -3.81 27.13 -2.48
N PHE E 40 -4.27 27.01 -3.74
CA PHE E 40 -4.60 25.70 -4.27
C PHE E 40 -3.35 24.87 -4.54
N LEU E 41 -2.21 25.53 -4.78
CA LEU E 41 -0.98 24.77 -4.90
C LEU E 41 -0.46 24.31 -3.55
N LEU E 42 -0.77 25.05 -2.47
CA LEU E 42 -0.13 24.79 -1.19
C LEU E 42 -0.87 23.79 -0.29
N VAL E 43 -2.20 23.77 -0.30
CA VAL E 43 -2.96 22.97 0.67
C VAL E 43 -3.10 21.54 0.16
N ARG E 44 -2.67 20.58 0.98
CA ARG E 44 -2.57 19.16 0.64
C ARG E 44 -3.87 18.36 0.77
N PRO E 45 -4.63 18.46 1.87
CA PRO E 45 -5.72 17.48 2.09
C PRO E 45 -6.86 17.53 1.06
N ILE E 46 -6.77 18.31 -0.02
CA ILE E 46 -7.93 18.61 -0.84
C ILE E 46 -7.66 18.25 -2.31
N GLN E 47 -6.66 17.43 -2.60
CA GLN E 47 -6.43 17.04 -3.99
C GLN E 47 -7.57 16.19 -4.54
N GLY E 48 -7.71 16.25 -5.87
CA GLY E 48 -8.81 15.61 -6.55
C GLY E 48 -9.00 16.27 -7.91
N SER E 49 -10.06 15.84 -8.60
CA SER E 49 -10.35 16.43 -9.91
C SER E 49 -10.77 17.89 -9.78
N ARG E 50 -11.58 18.20 -8.76
CA ARG E 50 -12.08 19.55 -8.62
C ARG E 50 -10.96 20.56 -8.37
N THR E 51 -9.99 20.18 -7.55
CA THR E 51 -8.85 21.06 -7.31
C THR E 51 -8.09 21.34 -8.60
N THR E 52 -7.89 20.30 -9.42
CA THR E 52 -7.19 20.46 -10.68
C THR E 52 -7.92 21.44 -11.60
N ILE E 53 -9.23 21.26 -11.76
CA ILE E 53 -9.97 22.12 -12.67
C ILE E 53 -10.01 23.56 -12.14
N HIS E 54 -10.16 23.72 -10.82
CA HIS E 54 -10.11 25.05 -10.23
C HIS E 54 -8.79 25.74 -10.53
N LEU E 55 -7.68 25.03 -10.32
CA LEU E 55 -6.36 25.60 -10.56
C LEU E 55 -6.22 26.07 -12.00
N HIS E 56 -6.60 25.21 -12.95
CA HIS E 56 -6.43 25.58 -14.35
C HIS E 56 -7.30 26.77 -14.72
N LEU E 57 -8.54 26.82 -14.21
CA LEU E 57 -9.41 27.96 -14.50
C LEU E 57 -8.81 29.25 -13.97
N CYS E 58 -8.27 29.21 -12.75
CA CYS E 58 -7.67 30.41 -12.19
C CYS E 58 -6.49 30.89 -13.02
N ILE E 59 -5.65 29.96 -13.47
CA ILE E 59 -4.50 30.34 -14.28
C ILE E 59 -4.95 31.02 -15.57
N CYS E 60 -5.93 30.41 -16.26
CA CYS E 60 -6.38 30.99 -17.52
C CYS E 60 -6.95 32.39 -17.32
N LEU E 61 -7.78 32.57 -16.29
CA LEU E 61 -8.35 33.90 -16.06
C LEU E 61 -7.27 34.92 -15.75
N PHE E 62 -6.28 34.54 -14.92
CA PHE E 62 -5.22 35.47 -14.56
C PHE E 62 -4.47 35.95 -15.79
N VAL E 63 -4.01 35.00 -16.62
CA VAL E 63 -3.23 35.38 -17.80
C VAL E 63 -4.05 36.24 -18.74
N GLY E 64 -5.29 35.83 -19.02
CA GLY E 64 -6.10 36.57 -19.96
C GLY E 64 -6.41 37.98 -19.50
N SER E 65 -6.77 38.13 -18.22
CA SER E 65 -7.05 39.46 -17.68
C SER E 65 -5.81 40.34 -17.70
N THR E 66 -4.64 39.77 -17.38
CA THR E 66 -3.42 40.56 -17.44
C THR E 66 -3.17 41.08 -18.85
N ILE E 67 -3.28 40.20 -19.85
CA ILE E 67 -3.06 40.65 -21.22
C ILE E 67 -4.06 41.73 -21.61
N PHE E 68 -5.34 41.52 -21.30
CA PHE E 68 -6.36 42.49 -21.69
C PHE E 68 -6.08 43.84 -21.07
N LEU E 69 -5.83 43.87 -19.76
CA LEU E 69 -5.60 45.15 -19.09
C LEU E 69 -4.32 45.81 -19.60
N ALA E 70 -3.35 45.01 -20.02
CA ALA E 70 -2.10 45.61 -20.52
C ALA E 70 -2.27 46.22 -21.90
N GLY E 71 -2.90 45.53 -22.84
CA GLY E 71 -2.72 45.92 -24.23
C GLY E 71 -3.91 45.96 -25.19
N ILE E 72 -5.08 46.39 -24.73
CA ILE E 72 -6.24 46.35 -25.62
C ILE E 72 -6.30 47.59 -26.52
N GLU E 73 -5.94 48.76 -25.99
CA GLU E 73 -6.12 50.01 -26.72
C GLU E 73 -5.08 50.18 -27.82
N ASN E 74 -5.55 50.59 -29.01
CA ASN E 74 -4.70 50.72 -30.17
C ASN E 74 -4.35 52.18 -30.43
N GLU E 75 -3.51 52.41 -31.43
CA GLU E 75 -3.10 53.75 -31.84
C GLU E 75 -4.17 54.48 -32.63
N GLY E 76 -5.22 53.79 -33.05
CA GLY E 76 -6.31 54.41 -33.80
C GLY E 76 -6.12 54.49 -35.30
N GLY E 77 -4.97 54.06 -35.82
CA GLY E 77 -4.73 54.11 -37.24
C GLY E 77 -4.51 52.77 -37.88
N GLN E 78 -3.43 52.63 -38.65
CA GLN E 78 -3.11 51.38 -39.31
C GLN E 78 -2.77 50.30 -38.29
N VAL E 79 -3.09 49.06 -38.65
CA VAL E 79 -2.93 47.93 -37.74
C VAL E 79 -1.63 47.21 -38.07
N GLY E 80 -0.74 47.08 -37.07
CA GLY E 80 0.48 46.33 -37.20
C GLY E 80 0.31 44.87 -36.78
N LEU E 81 1.46 44.21 -36.65
CA LEU E 81 1.43 42.79 -36.27
C LEU E 81 1.12 42.62 -34.79
N ARG E 82 1.50 43.60 -33.96
CA ARG E 82 1.28 43.50 -32.52
C ARG E 82 -0.21 43.40 -32.19
N CYS E 83 -1.03 44.23 -32.85
CA CYS E 83 -2.46 44.22 -32.58
C CYS E 83 -3.07 42.87 -32.93
N ARG E 84 -2.67 42.30 -34.06
CA ARG E 84 -3.19 41.00 -34.48
C ARG E 84 -2.79 39.90 -33.49
N LEU E 85 -1.54 39.91 -33.05
CA LEU E 85 -1.09 38.91 -32.09
C LEU E 85 -1.85 39.05 -30.77
N VAL E 86 -2.10 40.28 -30.34
CA VAL E 86 -2.84 40.50 -29.10
C VAL E 86 -4.25 39.94 -29.22
N ALA E 87 -4.90 40.20 -30.36
CA ALA E 87 -6.24 39.69 -30.58
C ALA E 87 -6.27 38.17 -30.50
N GLY E 88 -5.33 37.51 -31.18
CA GLY E 88 -5.30 36.06 -31.15
C GLY E 88 -5.06 35.50 -29.77
N LEU E 89 -4.13 36.10 -29.02
CA LEU E 89 -3.83 35.59 -27.69
C LEU E 89 -5.02 35.73 -26.75
N LEU E 90 -5.73 36.87 -26.81
CA LEU E 90 -6.92 37.01 -25.98
C LEU E 90 -7.97 35.97 -26.34
N HIS E 91 -8.18 35.74 -27.63
CA HIS E 91 -9.18 34.77 -28.08
C HIS E 91 -8.87 33.39 -27.50
N TYR E 92 -7.61 32.97 -27.63
CA TYR E 92 -7.20 31.67 -27.10
C TYR E 92 -7.40 31.58 -25.60
N CYS E 93 -6.95 32.61 -24.85
CA CYS E 93 -7.00 32.54 -23.40
C CYS E 93 -8.44 32.39 -22.90
N PHE E 94 -9.36 33.19 -23.44
CA PHE E 94 -10.71 33.12 -22.91
C PHE E 94 -11.44 31.84 -23.33
N LEU E 95 -11.18 31.34 -24.54
CA LEU E 95 -11.76 30.04 -24.88
C LEU E 95 -11.24 28.94 -23.95
N ALA E 96 -9.97 29.02 -23.56
CA ALA E 96 -9.43 28.03 -22.62
C ALA E 96 -10.16 28.09 -21.28
N ALA E 97 -10.40 29.31 -20.78
CA ALA E 97 -11.14 29.44 -19.53
C ALA E 97 -12.52 28.81 -19.64
N PHE E 98 -13.22 29.06 -20.75
CA PHE E 98 -14.57 28.52 -20.89
C PHE E 98 -14.56 26.99 -20.96
N CYS E 99 -13.56 26.41 -21.61
CA CYS E 99 -13.50 24.95 -21.65
C CYS E 99 -13.24 24.36 -20.27
N TRP E 100 -12.41 25.00 -19.46
CA TRP E 100 -12.27 24.51 -18.08
C TRP E 100 -13.58 24.61 -17.31
N MET E 101 -14.36 25.67 -17.55
CA MET E 101 -15.69 25.74 -16.94
C MET E 101 -16.58 24.57 -17.35
N SER E 102 -16.57 24.21 -18.64
CA SER E 102 -17.36 23.06 -19.08
C SER E 102 -16.93 21.77 -18.39
N LEU E 103 -15.61 21.58 -18.23
CA LEU E 103 -15.16 20.40 -17.51
C LEU E 103 -15.64 20.40 -16.06
N GLU E 104 -15.70 21.57 -15.43
CA GLU E 104 -16.27 21.64 -14.09
C GLU E 104 -17.71 21.15 -14.07
N GLY E 105 -18.50 21.56 -15.06
CA GLY E 105 -19.86 21.07 -15.15
C GLY E 105 -19.94 19.56 -15.27
N LEU E 106 -19.08 18.98 -16.09
CA LEU E 106 -19.10 17.52 -16.24
C LEU E 106 -18.72 16.82 -14.95
N GLU E 107 -17.76 17.38 -14.21
CA GLU E 107 -17.42 16.82 -12.90
C GLU E 107 -18.61 16.83 -11.98
N LEU E 108 -19.37 17.92 -11.97
CA LEU E 108 -20.57 17.99 -11.13
C LEU E 108 -21.58 16.94 -11.55
N TYR E 109 -21.70 16.70 -12.85
CA TYR E 109 -22.58 15.65 -13.34
C TYR E 109 -22.21 14.30 -12.76
N PHE E 110 -20.93 13.92 -12.86
CA PHE E 110 -20.48 12.68 -12.23
C PHE E 110 -20.77 12.67 -10.74
N LEU E 111 -20.63 13.81 -10.07
CA LEU E 111 -20.72 13.82 -8.62
C LEU E 111 -22.15 13.63 -8.13
N VAL E 112 -23.13 14.09 -8.91
CA VAL E 112 -24.51 14.10 -8.41
C VAL E 112 -25.40 13.09 -9.11
N VAL E 113 -25.19 12.91 -10.42
CA VAL E 113 -25.99 11.94 -11.23
C VAL E 113 -25.60 10.52 -10.82
N ARG E 114 -24.36 10.11 -11.15
CA ARG E 114 -23.86 8.76 -10.80
C ARG E 114 -23.07 8.84 -9.50
N VAL E 115 -23.69 8.40 -8.39
CA VAL E 115 -23.03 8.43 -7.05
C VAL E 115 -21.88 7.42 -7.04
N PHE E 116 -22.05 6.29 -7.73
CA PHE E 116 -21.00 5.24 -7.79
C PHE E 116 -19.66 5.86 -8.19
N GLN E 117 -18.60 5.57 -7.42
CA GLN E 117 -17.24 6.12 -7.70
C GLN E 117 -16.44 5.10 -8.52
N GLY E 118 -17.01 4.63 -9.64
CA GLY E 118 -16.33 3.66 -10.50
C GLY E 118 -15.89 4.28 -11.81
N GLN E 119 -15.89 5.62 -11.88
CA GLN E 119 -15.46 6.35 -13.10
C GLN E 119 -14.25 7.23 -12.78
N GLY E 120 -14.12 8.37 -13.47
CA GLY E 120 -12.99 9.30 -13.24
C GLY E 120 -12.20 9.53 -14.51
N LEU E 121 -11.40 10.60 -14.55
CA LEU E 121 -10.56 10.93 -15.73
C LEU E 121 -9.11 11.15 -15.29
N SER E 122 -8.16 10.97 -16.21
CA SER E 122 -6.72 11.15 -15.90
C SER E 122 -6.31 12.60 -16.18
N THR E 123 -5.36 13.12 -15.40
CA THR E 123 -4.88 14.49 -15.57
C THR E 123 -4.50 14.76 -17.01
N ARG E 124 -3.92 13.77 -17.70
CA ARG E 124 -3.49 13.97 -19.07
C ARG E 124 -4.65 14.33 -19.99
N TRP E 125 -5.75 13.58 -19.89
CA TRP E 125 -6.88 13.85 -20.78
C TRP E 125 -7.55 15.18 -20.45
N LEU E 126 -7.63 15.53 -19.17
CA LEU E 126 -8.17 16.84 -18.80
C LEU E 126 -7.33 17.97 -19.38
N CYS E 127 -6.00 17.85 -19.27
CA CYS E 127 -5.13 18.89 -19.83
C CYS E 127 -5.24 18.93 -21.35
N LEU E 128 -5.39 17.77 -21.99
CA LEU E 128 -5.55 17.76 -23.43
C LEU E 128 -6.84 18.45 -23.87
N ILE E 129 -7.94 18.17 -23.19
CA ILE E 129 -9.22 18.75 -23.60
C ILE E 129 -9.25 20.24 -23.30
N GLY E 130 -8.70 20.65 -22.16
CA GLY E 130 -8.74 22.05 -21.80
C GLY E 130 -7.97 22.95 -22.77
N TYR E 131 -6.75 22.55 -23.11
CA TYR E 131 -5.86 23.38 -23.91
C TYR E 131 -5.79 22.95 -25.37
N GLY E 132 -6.55 21.94 -25.78
CA GLY E 132 -6.45 21.45 -27.13
C GLY E 132 -7.50 22.04 -28.06
N VAL E 133 -8.76 22.02 -27.64
CA VAL E 133 -9.84 22.56 -28.47
C VAL E 133 -9.63 24.03 -28.78
N PRO E 134 -9.23 24.90 -27.84
CA PRO E 134 -8.98 26.29 -28.20
C PRO E 134 -7.95 26.46 -29.30
N LEU E 135 -6.88 25.65 -29.29
CA LEU E 135 -5.88 25.73 -30.34
C LEU E 135 -6.45 25.37 -31.70
N LEU E 136 -7.25 24.30 -31.76
CA LEU E 136 -7.88 23.92 -33.01
C LEU E 136 -8.82 25.01 -33.51
N ILE E 137 -9.61 25.61 -32.60
CA ILE E 137 -10.57 26.62 -33.02
C ILE E 137 -9.84 27.86 -33.56
N VAL E 138 -8.80 28.29 -32.85
CA VAL E 138 -8.02 29.42 -33.32
C VAL E 138 -7.40 29.13 -34.67
N GLY E 139 -6.84 27.92 -34.84
CA GLY E 139 -6.20 27.58 -36.10
C GLY E 139 -7.16 27.58 -37.28
N VAL E 140 -8.32 26.93 -37.10
CA VAL E 140 -9.30 26.89 -38.19
C VAL E 140 -9.81 28.30 -38.50
N SER E 141 -10.08 29.08 -37.46
CA SER E 141 -10.58 30.44 -37.67
C SER E 141 -9.57 31.29 -38.42
N ALA E 142 -8.29 31.16 -38.05
CA ALA E 142 -7.25 31.90 -38.75
C ALA E 142 -7.13 31.44 -40.20
N ALA E 143 -7.24 30.13 -40.44
CA ALA E 143 -7.11 29.63 -41.80
C ALA E 143 -8.23 30.14 -42.70
N ILE E 144 -9.46 30.19 -42.20
CA ILE E 144 -10.58 30.60 -43.05
C ILE E 144 -10.49 32.07 -43.43
N TYR E 145 -10.21 32.94 -42.45
CA TYR E 145 -10.23 34.39 -42.66
C TYR E 145 -9.25 35.03 -41.68
N SER E 146 -8.01 35.26 -42.14
CA SER E 146 -6.98 35.78 -41.25
C SER E 146 -6.92 37.30 -41.25
N LYS E 147 -7.73 37.96 -42.08
CA LYS E 147 -7.74 39.42 -42.11
C LYS E 147 -8.74 40.03 -41.13
N GLY E 148 -9.50 39.20 -40.42
CA GLY E 148 -10.49 39.70 -39.48
C GLY E 148 -9.96 40.13 -38.13
N TYR E 149 -8.81 39.63 -37.72
CA TYR E 149 -8.21 39.98 -36.44
C TYR E 149 -7.78 41.44 -36.48
N GLY E 150 -7.98 42.14 -35.37
CA GLY E 150 -7.60 43.53 -35.30
C GLY E 150 -8.65 44.45 -35.85
N ARG E 151 -8.83 45.61 -35.23
CA ARG E 151 -9.81 46.60 -35.62
C ARG E 151 -9.19 47.98 -35.56
N PRO E 152 -9.78 48.96 -36.25
CA PRO E 152 -9.18 50.30 -36.26
C PRO E 152 -8.98 50.91 -34.89
N ARG E 153 -9.86 50.66 -33.93
CA ARG E 153 -9.74 51.25 -32.61
C ARG E 153 -9.36 50.26 -31.52
N TYR E 154 -9.61 48.97 -31.71
CA TYR E 154 -9.30 47.96 -30.71
C TYR E 154 -8.65 46.75 -31.37
N CYS E 155 -7.92 45.99 -30.55
CA CYS E 155 -7.31 44.74 -30.99
C CYS E 155 -8.22 43.56 -30.66
N TRP E 156 -9.45 43.65 -31.14
CA TRP E 156 -10.42 42.58 -30.96
C TRP E 156 -11.10 42.33 -32.30
N LEU E 157 -11.99 41.34 -32.32
CA LEU E 157 -12.47 40.79 -33.57
C LEU E 157 -13.35 41.79 -34.32
N ASP E 158 -13.17 41.84 -35.64
CA ASP E 158 -13.96 42.65 -36.53
C ASP E 158 -15.39 42.10 -36.63
N PHE E 159 -16.31 42.97 -37.05
CA PHE E 159 -17.70 42.57 -37.24
C PHE E 159 -17.98 42.02 -38.63
N GLU E 160 -17.03 42.13 -39.55
CA GLU E 160 -17.26 41.69 -40.92
C GLU E 160 -17.43 40.18 -40.97
N GLN E 161 -18.25 39.71 -41.90
CA GLN E 161 -18.52 38.29 -42.11
C GLN E 161 -19.05 37.60 -40.87
N GLY E 162 -19.48 38.36 -39.86
CA GLY E 162 -19.93 37.76 -38.62
C GLY E 162 -18.82 37.20 -37.76
N PHE E 163 -17.58 37.66 -37.96
CA PHE E 163 -16.44 37.02 -37.32
C PHE E 163 -16.51 37.04 -35.81
N LEU E 164 -17.23 38.01 -35.23
CA LEU E 164 -17.34 38.07 -33.77
C LEU E 164 -17.97 36.80 -33.21
N TRP E 165 -18.79 36.11 -34.00
CA TRP E 165 -19.40 34.89 -33.52
C TRP E 165 -18.37 33.82 -33.16
N SER E 166 -17.12 33.95 -33.65
CA SER E 166 -16.04 33.07 -33.24
C SER E 166 -15.79 33.09 -31.74
N PHE E 167 -16.38 34.01 -30.99
CA PHE E 167 -16.32 33.96 -29.53
C PHE E 167 -17.68 33.67 -28.92
N LEU E 168 -18.75 33.98 -29.64
CA LEU E 168 -20.09 33.77 -29.08
C LEU E 168 -20.66 32.43 -29.49
N GLY E 169 -19.93 31.67 -30.29
CA GLY E 169 -20.33 30.32 -30.65
C GLY E 169 -20.08 29.33 -29.54
N PRO E 170 -18.80 29.14 -29.18
CA PRO E 170 -18.49 28.25 -28.07
C PRO E 170 -19.11 28.66 -26.73
N VAL E 171 -19.26 29.96 -26.48
CA VAL E 171 -19.76 30.41 -25.19
C VAL E 171 -21.21 29.98 -24.99
N THR E 172 -22.09 30.38 -25.90
CA THR E 172 -23.51 30.07 -25.75
C THR E 172 -23.73 28.58 -25.50
N PHE E 173 -23.15 27.73 -26.34
CA PHE E 173 -23.40 26.30 -26.24
C PHE E 173 -23.01 25.75 -24.87
N ILE E 174 -22.02 26.36 -24.23
CA ILE E 174 -21.64 25.91 -22.89
C ILE E 174 -22.75 26.24 -21.89
N ILE E 175 -23.24 27.48 -21.91
CA ILE E 175 -24.18 27.92 -20.89
C ILE E 175 -25.43 27.06 -20.87
N LEU E 176 -26.03 26.85 -22.04
CA LEU E 176 -27.25 26.07 -22.14
C LEU E 176 -27.09 24.64 -21.65
N CYS E 177 -25.86 24.14 -21.55
CA CYS E 177 -25.65 22.88 -20.87
C CYS E 177 -25.55 23.05 -19.35
N ASN E 178 -24.69 23.95 -18.88
CA ASN E 178 -24.50 24.10 -17.45
C ASN E 178 -25.77 24.57 -16.75
N ALA E 179 -26.56 25.42 -17.41
CA ALA E 179 -27.83 25.86 -16.84
C ALA E 179 -28.72 24.68 -16.49
N VAL E 180 -28.62 23.58 -17.23
CA VAL E 180 -29.36 22.39 -16.83
C VAL E 180 -28.80 21.83 -15.53
N ILE E 181 -27.50 21.57 -15.50
CA ILE E 181 -26.91 20.87 -14.36
C ILE E 181 -27.23 21.60 -13.07
N PHE E 182 -27.04 22.91 -13.06
CA PHE E 182 -27.28 23.70 -11.87
C PHE E 182 -28.65 23.41 -11.30
N VAL E 183 -29.70 23.49 -12.14
CA VAL E 183 -31.05 23.25 -11.65
C VAL E 183 -31.11 21.89 -10.97
N THR E 184 -30.67 20.85 -11.67
CA THR E 184 -30.72 19.51 -11.11
C THR E 184 -30.08 19.50 -9.73
N THR E 185 -28.86 20.02 -9.61
CA THR E 185 -28.18 19.97 -8.33
C THR E 185 -29.03 20.59 -7.23
N VAL E 186 -29.48 21.83 -7.45
CA VAL E 186 -30.24 22.51 -6.40
C VAL E 186 -31.47 21.69 -6.04
N TRP E 187 -32.15 21.17 -7.06
CA TRP E 187 -33.38 20.41 -6.82
C TRP E 187 -33.10 19.31 -5.82
N LYS E 188 -32.04 18.55 -6.04
CA LYS E 188 -31.79 17.40 -5.20
C LYS E 188 -31.45 17.82 -3.78
N LEU E 189 -30.75 18.94 -3.61
CA LEU E 189 -30.44 19.38 -2.25
C LEU E 189 -31.73 19.67 -1.48
N THR E 190 -32.74 20.22 -2.15
CA THR E 190 -33.98 20.53 -1.45
C THR E 190 -34.80 19.29 -1.12
N GLN E 191 -34.44 18.12 -1.64
CA GLN E 191 -35.04 16.88 -1.18
C GLN E 191 -34.23 16.18 -0.10
N LYS E 192 -33.14 16.77 0.37
CA LYS E 192 -32.25 16.05 1.26
C LYS E 192 -31.83 16.83 2.49
N PHE E 193 -31.99 18.16 2.51
CA PHE E 193 -31.37 18.96 3.56
C PHE E 193 -31.88 18.56 4.93
N SER E 194 -33.19 18.31 5.05
CA SER E 194 -33.77 17.88 6.32
C SER E 194 -33.11 16.62 6.85
N GLU E 195 -32.70 15.71 5.98
CA GLU E 195 -32.07 14.47 6.40
C GLU E 195 -30.58 14.61 6.67
N ILE E 196 -29.99 15.76 6.36
CA ILE E 196 -28.58 16.01 6.62
C ILE E 196 -28.40 16.95 7.80
N ASN E 197 -29.30 17.92 7.96
CA ASN E 197 -29.32 18.83 9.10
C ASN E 197 -30.71 18.81 9.70
N PRO E 198 -30.94 17.96 10.70
CA PRO E 198 -32.31 17.80 11.23
C PRO E 198 -32.73 18.88 12.20
N ASP E 199 -31.80 19.64 12.77
CA ASP E 199 -32.12 20.62 13.80
C ASP E 199 -32.19 22.05 13.26
N MET E 200 -32.41 22.22 11.96
CA MET E 200 -32.45 23.53 11.34
C MET E 200 -33.90 23.93 11.05
N LYS E 201 -34.19 25.21 11.28
CA LYS E 201 -35.51 25.77 10.98
C LYS E 201 -35.60 26.16 9.52
N LYS E 202 -36.66 26.91 9.19
CA LYS E 202 -36.87 27.31 7.80
C LYS E 202 -35.83 28.32 7.32
N LEU E 203 -35.40 29.22 8.21
CA LEU E 203 -34.39 30.25 7.86
C LEU E 203 -33.04 29.58 7.60
N LYS E 204 -32.61 28.71 8.50
CA LYS E 204 -31.31 27.99 8.35
C LYS E 204 -31.27 27.24 7.02
N LYS E 205 -32.30 26.43 6.75
CA LYS E 205 -32.38 25.65 5.49
C LYS E 205 -32.36 26.60 4.28
N ALA E 206 -33.24 27.60 4.28
CA ALA E 206 -33.32 28.57 3.17
C ALA E 206 -31.96 29.25 2.96
N ARG E 207 -31.31 29.66 4.06
CA ARG E 207 -29.99 30.34 3.99
C ARG E 207 -28.93 29.35 3.51
N ALA E 208 -29.08 28.07 3.88
CA ALA E 208 -28.11 27.01 3.48
C ALA E 208 -28.30 26.68 2.00
N LEU E 209 -29.51 26.88 1.47
CA LEU E 209 -29.81 26.58 0.04
C LEU E 209 -29.64 27.86 -0.79
N THR E 210 -29.18 28.95 -0.15
CA THR E 210 -28.97 30.24 -0.86
C THR E 210 -27.48 30.58 -0.87
N ILE E 211 -26.72 30.02 0.08
CA ILE E 211 -25.25 30.27 0.17
C ILE E 211 -24.52 29.24 -0.69
N THR E 212 -25.19 28.13 -1.01
CA THR E 212 -24.62 27.07 -1.83
C THR E 212 -24.89 27.30 -3.31
N ALA E 213 -26.11 27.70 -3.65
CA ALA E 213 -26.43 27.93 -5.06
C ALA E 213 -25.62 29.09 -5.63
N ILE E 214 -25.47 30.17 -4.86
CA ILE E 214 -24.69 31.31 -5.34
C ILE E 214 -23.22 30.93 -5.51
N ALA E 215 -22.71 30.06 -4.62
CA ALA E 215 -21.35 29.57 -4.79
C ALA E 215 -21.22 28.77 -6.08
N GLN E 216 -22.22 27.95 -6.40
CA GLN E 216 -22.13 27.12 -7.60
C GLN E 216 -22.34 27.93 -8.88
N LEU E 217 -22.97 29.10 -8.80
CA LEU E 217 -23.20 29.89 -10.01
C LEU E 217 -21.93 30.47 -10.62
N PHE E 218 -20.89 30.74 -9.84
CA PHE E 218 -19.73 31.45 -10.34
C PHE E 218 -18.64 30.53 -10.87
N LEU E 219 -18.90 29.23 -10.94
CA LEU E 219 -18.05 28.28 -11.66
C LEU E 219 -18.65 27.86 -12.99
N LEU E 220 -19.88 27.38 -12.96
CA LEU E 220 -20.69 27.17 -14.14
C LEU E 220 -20.96 28.59 -14.62
N GLY E 221 -20.27 29.00 -15.68
CA GLY E 221 -20.19 30.44 -15.93
C GLY E 221 -21.46 31.09 -16.42
N CYS E 222 -22.54 30.99 -15.65
CA CYS E 222 -23.85 31.47 -16.05
C CYS E 222 -24.06 32.95 -15.74
N THR E 223 -23.15 33.60 -15.05
CA THR E 223 -23.29 35.03 -14.79
C THR E 223 -23.05 35.88 -16.04
N TRP E 224 -22.58 35.29 -17.13
CA TRP E 224 -22.26 36.02 -18.35
C TRP E 224 -23.47 36.26 -19.23
N VAL E 225 -24.61 35.64 -18.94
CA VAL E 225 -25.72 35.58 -19.88
C VAL E 225 -26.16 36.98 -20.29
N PHE E 226 -26.24 37.90 -19.33
CA PHE E 226 -26.65 39.27 -19.62
C PHE E 226 -25.86 39.88 -20.77
N GLY E 227 -24.55 39.65 -20.81
CA GLY E 227 -23.74 40.23 -21.86
C GLY E 227 -24.13 39.86 -23.27
N LEU E 228 -24.85 38.75 -23.45
CA LEU E 228 -25.27 38.38 -24.80
C LEU E 228 -26.29 39.35 -25.38
N PHE E 229 -26.84 40.25 -24.57
CA PHE E 229 -27.87 41.18 -25.03
C PHE E 229 -27.34 42.60 -25.18
N ILE E 230 -26.04 42.80 -25.15
CA ILE E 230 -25.46 44.16 -25.23
C ILE E 230 -25.26 44.43 -26.72
N PHE E 231 -26.33 44.90 -27.36
CA PHE E 231 -26.24 45.22 -28.78
C PHE E 231 -27.04 46.46 -29.17
N ASP E 232 -27.47 47.27 -28.21
CA ASP E 232 -28.20 48.50 -28.49
C ASP E 232 -27.62 49.61 -27.62
N ASP E 233 -27.63 50.83 -28.15
CA ASP E 233 -27.33 52.00 -27.33
C ASP E 233 -28.51 52.42 -26.46
N ARG E 234 -29.67 51.78 -26.63
CA ARG E 234 -30.85 52.09 -25.83
C ARG E 234 -30.97 51.24 -24.58
N SER E 235 -30.00 50.37 -24.30
CA SER E 235 -30.05 49.44 -23.18
C SER E 235 -28.71 49.44 -22.47
N LEU E 236 -28.57 50.28 -21.45
CA LEU E 236 -27.33 50.37 -20.70
C LEU E 236 -27.40 49.70 -19.33
N VAL E 237 -28.60 49.40 -18.83
CA VAL E 237 -28.71 48.74 -17.53
C VAL E 237 -28.07 47.37 -17.59
N LEU E 238 -28.34 46.61 -18.66
CA LEU E 238 -27.71 45.31 -18.82
C LEU E 238 -26.20 45.42 -18.94
N THR E 239 -25.69 46.43 -19.65
CA THR E 239 -24.25 46.57 -19.78
C THR E 239 -23.60 46.81 -18.43
N TYR E 240 -24.19 47.68 -17.62
CA TYR E 240 -23.64 47.93 -16.28
C TYR E 240 -23.69 46.68 -15.43
N VAL E 241 -24.80 45.94 -15.49
CA VAL E 241 -24.89 44.69 -14.74
C VAL E 241 -23.78 43.74 -15.16
N PHE E 242 -23.60 43.56 -16.47
CA PHE E 242 -22.57 42.66 -16.97
C PHE E 242 -21.20 43.06 -16.46
N THR E 243 -20.83 44.33 -16.64
CA THR E 243 -19.49 44.75 -16.25
C THR E 243 -19.27 44.55 -14.76
N ILE E 244 -20.19 45.07 -13.92
CA ILE E 244 -19.98 45.04 -12.48
C ILE E 244 -19.94 43.62 -11.95
N LEU E 245 -20.79 42.74 -12.49
CA LEU E 245 -20.86 41.40 -11.96
C LEU E 245 -19.68 40.55 -12.45
N ASN E 246 -19.27 40.71 -13.70
CA ASN E 246 -18.28 39.81 -14.26
C ASN E 246 -16.85 40.28 -14.01
N CYS E 247 -16.65 41.55 -13.65
CA CYS E 247 -15.31 41.95 -13.26
C CYS E 247 -14.90 41.38 -11.90
N LEU E 248 -15.86 41.01 -11.06
CA LEU E 248 -15.58 40.51 -9.71
C LEU E 248 -15.63 38.99 -9.65
N GLN E 249 -15.47 38.33 -10.80
CA GLN E 249 -15.57 36.87 -10.88
C GLN E 249 -14.58 36.20 -9.94
N GLY E 250 -13.30 36.56 -10.03
CA GLY E 250 -12.29 35.92 -9.21
C GLY E 250 -12.42 36.20 -7.73
N ALA E 251 -12.75 37.45 -7.39
CA ALA E 251 -12.92 37.80 -5.98
C ALA E 251 -14.06 37.00 -5.37
N PHE E 252 -15.18 36.88 -6.08
CA PHE E 252 -16.27 36.06 -5.57
C PHE E 252 -15.87 34.60 -5.50
N LEU E 253 -15.11 34.12 -6.49
CA LEU E 253 -14.65 32.74 -6.45
C LEU E 253 -13.90 32.44 -5.17
N TYR E 254 -12.96 33.31 -4.80
CA TYR E 254 -12.21 33.05 -3.57
C TYR E 254 -13.06 33.24 -2.32
N LEU E 255 -13.87 34.29 -2.27
CA LEU E 255 -14.68 34.51 -1.07
C LEU E 255 -15.66 33.35 -0.86
N LEU E 256 -15.96 32.60 -1.91
CA LEU E 256 -16.92 31.51 -1.78
C LEU E 256 -16.24 30.16 -1.57
N HIS E 257 -15.14 29.89 -2.27
CA HIS E 257 -14.55 28.56 -2.30
C HIS E 257 -13.27 28.42 -1.49
N CYS E 258 -12.74 29.49 -0.92
CA CYS E 258 -11.53 29.39 -0.12
C CYS E 258 -11.75 29.82 1.33
N LEU E 259 -12.24 31.04 1.56
CA LEU E 259 -12.40 31.50 2.94
C LEU E 259 -13.49 30.73 3.67
N LEU E 260 -14.57 30.40 2.99
CA LEU E 260 -15.75 29.85 3.65
C LEU E 260 -15.66 28.34 3.82
N ASN E 261 -14.57 27.71 3.37
CA ASN E 261 -14.35 26.28 3.56
C ASN E 261 -13.66 26.05 4.90
N LYS E 262 -14.08 24.99 5.60
CA LYS E 262 -13.57 24.75 6.96
C LYS E 262 -12.14 24.25 6.95
N LYS E 263 -11.84 23.29 6.08
CA LYS E 263 -10.50 22.72 6.05
C LYS E 263 -9.46 23.76 5.65
N VAL E 264 -9.83 24.69 4.77
CA VAL E 264 -8.91 25.76 4.39
C VAL E 264 -8.59 26.63 5.60
N ARG E 265 -9.60 26.93 6.42
CA ARG E 265 -9.35 27.71 7.63
C ARG E 265 -8.46 26.93 8.60
N GLU E 266 -8.67 25.62 8.70
CA GLU E 266 -7.82 24.81 9.57
C GLU E 266 -6.37 24.86 9.11
N GLU E 267 -6.14 24.73 7.80
CA GLU E 267 -4.79 24.79 7.27
C GLU E 267 -4.19 26.19 7.42
N TYR E 268 -5.01 27.23 7.30
CA TYR E 268 -4.51 28.59 7.51
C TYR E 268 -4.06 28.77 8.96
N ARG E 269 -4.85 28.27 9.91
CA ARG E 269 -4.47 28.37 11.31
C ARG E 269 -3.20 27.56 11.59
N LYS E 270 -3.08 26.38 10.97
CA LYS E 270 -1.86 25.59 11.12
C LYS E 270 -0.66 26.34 10.56
N TRP E 271 -0.83 27.00 9.41
CA TRP E 271 0.26 27.80 8.84
C TRP E 271 0.64 28.92 9.79
N ALA E 272 -0.34 29.60 10.37
CA ALA E 272 -0.06 30.68 11.30
C ALA E 272 0.68 30.17 12.53
N CYS E 273 0.28 29.00 13.05
CA CYS E 273 0.97 28.43 14.19
C CYS E 273 2.41 28.05 13.84
N LEU E 274 2.62 27.48 12.65
CA LEU E 274 3.97 27.10 12.24
C LEU E 274 4.86 28.34 12.07
N VAL E 275 4.33 29.39 11.47
CA VAL E 275 5.10 30.61 11.25
C VAL E 275 4.42 31.80 11.92
#